data_3TSJ
#
_entry.id   3TSJ
#
_cell.length_a   75.774
_cell.length_b   153.437
_cell.length_c   177.631
_cell.angle_alpha   90.00
_cell.angle_beta   90.00
_cell.angle_gamma   90.00
#
_symmetry.space_group_name_H-M   'C 2 2 21'
#
loop_
_entity.id
_entity.type
_entity.pdbx_description
1 polymer 'Pollen allergen Phl p 4'
2 non-polymer 'DIHYDROFLAVINE-ADENINE DINUCLEOTIDE'
3 non-polymer 'SODIUM ION'
4 non-polymer 'SULFATE ION'
5 water water
#
_entity_poly.entity_id   1
_entity_poly.type   'polypeptide(L)'
_entity_poly.pdbx_seq_one_letter_code
;YFPPPAAKEDFLGCLVKEIPPRLLYAKSSPAYPSVLGQTIRNSRWSSPDNVKPLYIITPTQVSHIQSAVVCGRRHSVRIR
VRSGGHDYEGLSYRSLQPETFAVVDLNKMRAVWVDGKARTAWVDSGAQLGELYYAIYKASPTLAFPAGVCPTIGVGGNFA
GGGFGMLLRKYGIAAENVIDVKLVDANGKLHDKKSMGDDHFWAVRGGGGESFGIVVAWQVKLLPVPPTVTIFKISKTVSE
GAVDIINKWQVVAPQLPADLMIRIIAQGPKATFEAMYLGTCKTLTPLMSSKFPELGMNPSHCNEMSWIQSIPFVHLGHRD
ALEDDLLNRQNSFKPFAEYKSDYVYQPFPKTVWEQILNTWLVKPGAGIMIFDPYGATISATPESATPFPHRKGVLFNIQY
VNYWFAPGAAAAPLSWSKDIYNYMEPYVSKNPRQAYANYRDIDLGRNEVVNDVSTYASGKVWGQKYFKGNFERLAITKGK
VDPTDYFRNEQSIPPLIKKY
;
_entity_poly.pdbx_strand_id   A,B
#
loop_
_chem_comp.id
_chem_comp.type
_chem_comp.name
_chem_comp.formula
FDA non-polymer 'DIHYDROFLAVINE-ADENINE DINUCLEOTIDE' 'C27 H35 N9 O15 P2'
NA non-polymer 'SODIUM ION' 'Na 1'
SO4 non-polymer 'SULFATE ION' 'O4 S -2'
#
# COMPACT_ATOMS: atom_id res chain seq x y z
N ASP A 10 29.49 -0.13 22.80
CA ASP A 10 30.14 -1.47 22.94
C ASP A 10 29.23 -2.63 22.48
N PHE A 11 27.92 -2.41 22.54
CA PHE A 11 26.96 -3.33 21.92
C PHE A 11 27.37 -3.69 20.48
N LEU A 12 27.63 -2.68 19.65
CA LEU A 12 28.06 -2.94 18.26
C LEU A 12 29.34 -3.80 18.17
N GLY A 13 30.33 -3.48 18.99
CA GLY A 13 31.60 -4.25 19.02
C GLY A 13 31.36 -5.69 19.44
N CYS A 14 30.53 -5.88 20.45
CA CYS A 14 30.11 -7.23 20.88
C CYS A 14 29.49 -7.98 19.72
N LEU A 15 28.55 -7.36 19.01
CA LEU A 15 27.86 -8.06 17.94
C LEU A 15 28.77 -8.46 16.78
N VAL A 16 29.61 -7.51 16.37
CA VAL A 16 30.40 -7.66 15.14
C VAL A 16 31.53 -8.69 15.26
N LYS A 17 31.88 -9.05 16.50
CA LYS A 17 32.78 -10.18 16.79
C LYS A 17 32.26 -11.49 16.21
N GLU A 18 30.95 -11.71 16.30
CA GLU A 18 30.32 -12.98 15.90
C GLU A 18 29.41 -12.86 14.69
N ILE A 19 28.95 -11.65 14.41
CA ILE A 19 28.01 -11.44 13.31
C ILE A 19 28.65 -10.52 12.27
N PRO A 20 28.55 -10.86 10.97
CA PRO A 20 29.03 -9.98 9.89
C PRO A 20 28.43 -8.54 9.94
N PRO A 21 29.26 -7.50 9.68
CA PRO A 21 28.73 -6.14 9.66
C PRO A 21 27.51 -6.02 8.76
N ARG A 22 27.50 -6.78 7.67
CA ARG A 22 26.39 -6.91 6.72
C ARG A 22 25.00 -6.98 7.39
N LEU A 23 24.95 -7.56 8.58
CA LEU A 23 23.67 -7.97 9.20
C LEU A 23 23.30 -7.10 10.39
N LEU A 24 24.07 -6.03 10.59
CA LEU A 24 23.92 -5.11 11.69
C LEU A 24 23.59 -3.71 11.15
N TYR A 25 22.43 -3.19 11.57
CA TYR A 25 21.93 -1.91 11.10
C TYR A 25 21.72 -1.03 12.30
N ALA A 26 22.61 -0.06 12.45
CA ALA A 26 22.52 1.00 13.45
C ALA A 26 21.38 1.92 13.06
N LYS A 27 20.75 2.53 14.05
CA LYS A 27 19.67 3.51 13.81
C LYS A 27 20.12 4.67 12.91
N SER A 28 21.38 5.10 13.06
CA SER A 28 21.93 6.15 12.17
C SER A 28 22.27 5.67 10.74
N SER A 29 22.21 4.36 10.50
CA SER A 29 22.61 3.85 9.19
C SER A 29 21.62 4.25 8.12
N PRO A 30 22.14 4.62 6.92
CA PRO A 30 21.31 4.92 5.75
C PRO A 30 20.44 3.76 5.29
N ALA A 31 20.84 2.54 5.60
CA ALA A 31 20.09 1.34 5.22
C ALA A 31 19.01 1.01 6.26
N TYR A 32 19.11 1.61 7.43
CA TYR A 32 18.25 1.21 8.55
C TYR A 32 16.76 1.48 8.33
N PRO A 33 16.41 2.68 7.77
CA PRO A 33 14.96 2.92 7.57
C PRO A 33 14.27 1.92 6.68
N SER A 34 14.91 1.51 5.59
CA SER A 34 14.25 0.51 4.74
C SER A 34 14.15 -0.90 5.39
N VAL A 35 15.16 -1.30 6.15
CA VAL A 35 15.12 -2.58 6.89
C VAL A 35 14.00 -2.51 7.95
N LEU A 36 13.97 -1.44 8.71
CA LEU A 36 12.87 -1.23 9.67
C LEU A 36 11.48 -1.34 9.02
N GLY A 37 11.31 -0.66 7.90
CA GLY A 37 9.98 -0.50 7.29
C GLY A 37 9.52 -1.69 6.49
N GLN A 38 10.46 -2.52 6.05
CA GLN A 38 10.18 -3.56 5.06
C GLN A 38 8.97 -4.45 5.40
N THR A 39 8.82 -4.81 6.67
CA THR A 39 7.72 -5.70 7.03
C THR A 39 6.74 -5.04 8.01
N ILE A 40 6.77 -3.70 8.15
CA ILE A 40 5.72 -3.00 8.91
C ILE A 40 4.41 -3.08 8.12
N ARG A 41 3.33 -3.54 8.77
CA ARG A 41 2.08 -3.77 8.03
C ARG A 41 0.99 -2.77 8.42
N ASN A 42 1.34 -1.82 9.29
CA ASN A 42 0.35 -0.91 9.84
C ASN A 42 0.95 0.49 9.79
N SER A 43 0.36 1.37 8.98
CA SER A 43 0.91 2.73 8.84
C SER A 43 0.87 3.55 10.13
N ARG A 44 0.08 3.13 11.12
CA ARG A 44 0.08 3.80 12.43
C ARG A 44 1.47 3.72 13.09
N TRP A 45 2.18 2.63 12.81
CA TRP A 45 3.41 2.29 13.55
C TRP A 45 4.73 2.57 12.81
N SER A 46 4.62 3.08 11.58
CA SER A 46 5.82 3.34 10.76
C SER A 46 6.25 4.80 10.79
N SER A 47 5.37 5.67 11.26
CA SER A 47 5.60 7.12 11.30
C SER A 47 6.66 7.47 12.35
N PRO A 48 7.31 8.65 12.19
CA PRO A 48 8.47 9.03 12.99
C PRO A 48 8.24 9.14 14.50
N ASP A 49 6.99 9.31 14.93
CA ASP A 49 6.65 9.41 16.38
C ASP A 49 6.74 8.07 17.12
N ASN A 50 6.81 6.98 16.37
CA ASN A 50 6.95 5.66 16.98
C ASN A 50 8.35 5.47 17.53
N VAL A 51 8.47 4.77 18.66
CA VAL A 51 9.75 4.53 19.31
C VAL A 51 10.50 3.49 18.50
N LYS A 52 11.75 3.82 18.13
CA LYS A 52 12.55 3.05 17.17
C LYS A 52 13.63 2.23 17.87
N PRO A 53 13.97 1.06 17.29
CA PRO A 53 15.05 0.27 17.91
C PRO A 53 16.43 0.92 17.63
N LEU A 54 17.30 0.88 18.63
CA LEU A 54 18.70 1.28 18.55
C LEU A 54 19.49 0.52 17.48
N TYR A 55 19.23 -0.78 17.36
N TYR A 55 19.23 -0.78 17.36
CA TYR A 55 19.83 -1.64 16.32
CA TYR A 55 19.81 -1.63 16.32
C TYR A 55 18.84 -2.64 15.77
C TYR A 55 18.80 -2.61 15.76
N ILE A 56 19.02 -3.00 14.51
CA ILE A 56 18.32 -4.12 13.93
C ILE A 56 19.40 -5.11 13.52
N ILE A 57 19.20 -6.36 13.93
CA ILE A 57 20.10 -7.45 13.56
C ILE A 57 19.34 -8.42 12.68
N THR A 58 19.89 -8.74 11.51
CA THR A 58 19.28 -9.70 10.59
C THR A 58 20.08 -11.01 10.45
N PRO A 59 19.91 -11.96 11.41
CA PRO A 59 20.70 -13.19 11.37
C PRO A 59 20.39 -14.04 10.13
N THR A 60 21.38 -14.82 9.71
CA THR A 60 21.21 -15.72 8.60
C THR A 60 21.44 -17.16 9.08
N GLN A 61 21.91 -17.30 10.30
CA GLN A 61 22.10 -18.63 10.90
C GLN A 61 21.88 -18.52 12.39
N VAL A 62 21.63 -19.65 13.04
CA VAL A 62 21.27 -19.69 14.46
C VAL A 62 22.32 -19.07 15.38
N SER A 63 23.62 -19.20 15.05
CA SER A 63 24.63 -18.61 15.97
C SER A 63 24.55 -17.09 16.07
N HIS A 64 24.07 -16.43 15.02
CA HIS A 64 23.88 -14.96 15.08
C HIS A 64 22.82 -14.60 16.12
N ILE A 65 21.75 -15.41 16.18
CA ILE A 65 20.70 -15.21 17.19
C ILE A 65 21.27 -15.41 18.60
N GLN A 66 22.00 -16.52 18.81
CA GLN A 66 22.58 -16.75 20.12
C GLN A 66 23.55 -15.64 20.51
N SER A 67 24.41 -15.23 19.58
CA SER A 67 25.37 -14.14 19.83
C SER A 67 24.67 -12.84 20.23
N ALA A 68 23.65 -12.46 19.45
CA ALA A 68 22.83 -11.27 19.73
C ALA A 68 22.19 -11.28 21.13
N VAL A 69 21.69 -12.44 21.54
CA VAL A 69 21.09 -12.63 22.88
C VAL A 69 22.14 -12.49 23.98
N VAL A 70 23.24 -13.24 23.86
CA VAL A 70 24.36 -13.10 24.80
C VAL A 70 24.79 -11.64 24.91
N CYS A 71 24.99 -10.99 23.77
CA CYS A 71 25.36 -9.57 23.73
C CYS A 71 24.27 -8.71 24.37
N GLY A 72 23.01 -9.02 24.06
CA GLY A 72 21.87 -8.29 24.64
C GLY A 72 21.83 -8.38 26.17
N ARG A 73 22.06 -9.59 26.69
CA ARG A 73 22.10 -9.83 28.14
C ARG A 73 23.26 -9.08 28.79
N ARG A 74 24.43 -9.20 28.16
CA ARG A 74 25.66 -8.58 28.66
C ARG A 74 25.57 -7.05 28.68
N HIS A 75 24.93 -6.45 27.67
CA HIS A 75 24.92 -5.00 27.57
C HIS A 75 23.60 -4.38 27.96
N SER A 76 22.72 -5.18 28.57
CA SER A 76 21.39 -4.74 28.99
C SER A 76 20.57 -4.11 27.85
N VAL A 77 20.56 -4.77 26.70
CA VAL A 77 19.76 -4.33 25.59
C VAL A 77 18.74 -5.45 25.36
N ARG A 78 17.47 -5.15 25.64
CA ARG A 78 16.39 -6.12 25.40
C ARG A 78 16.18 -6.28 23.92
N ILE A 79 15.65 -7.45 23.52
CA ILE A 79 15.42 -7.76 22.12
C ILE A 79 13.94 -7.99 21.88
N ARG A 80 13.44 -7.43 20.77
CA ARG A 80 12.11 -7.76 20.26
C ARG A 80 12.34 -8.47 18.95
N VAL A 81 11.83 -9.69 18.85
CA VAL A 81 12.05 -10.48 17.66
C VAL A 81 10.92 -10.24 16.68
N ARG A 82 11.28 -10.19 15.40
CA ARG A 82 10.31 -9.95 14.36
C ARG A 82 10.48 -10.99 13.30
N SER A 83 9.35 -11.55 12.86
CA SER A 83 9.40 -12.48 11.75
C SER A 83 8.74 -11.86 10.53
N GLY A 84 7.41 -11.91 10.50
CA GLY A 84 6.67 -11.35 9.36
C GLY A 84 6.22 -9.91 9.58
N GLY A 85 6.39 -9.37 10.78
CA GLY A 85 6.02 -7.99 11.05
C GLY A 85 4.53 -7.65 11.19
N HIS A 86 3.66 -8.67 11.15
CA HIS A 86 2.22 -8.46 11.24
C HIS A 86 1.62 -8.07 12.60
N ASP A 87 2.41 -8.06 13.69
CA ASP A 87 1.88 -7.73 15.01
C ASP A 87 0.94 -6.52 14.93
N TYR A 88 -0.32 -6.71 15.35
CA TYR A 88 -1.33 -5.66 15.25
C TYR A 88 -0.97 -4.35 15.93
N GLU A 89 -0.17 -4.44 16.99
CA GLU A 89 0.31 -3.28 17.71
C GLU A 89 1.75 -2.92 17.34
N GLY A 90 2.32 -3.65 16.40
CA GLY A 90 3.73 -3.47 15.99
C GLY A 90 4.74 -3.85 17.07
N LEU A 91 4.34 -4.66 18.05
CA LEU A 91 5.23 -4.92 19.20
C LEU A 91 6.51 -5.68 18.83
N SER A 92 6.60 -6.18 17.59
CA SER A 92 7.85 -6.80 17.10
C SER A 92 8.94 -5.79 16.72
N TYR A 93 8.56 -4.51 16.55
CA TYR A 93 9.51 -3.53 16.05
C TYR A 93 9.38 -2.14 16.67
N ARG A 94 8.42 -1.94 17.57
CA ARG A 94 8.31 -0.67 18.30
C ARG A 94 7.99 -0.99 19.75
N SER A 95 8.31 -0.04 20.63
CA SER A 95 7.82 -0.06 21.99
C SER A 95 6.80 1.08 22.10
N LEU A 96 5.95 1.05 23.12
CA LEU A 96 4.91 2.08 23.23
C LEU A 96 5.46 3.37 23.85
N GLN A 97 6.30 3.20 24.87
CA GLN A 97 7.07 4.26 25.53
C GLN A 97 8.58 4.18 25.19
N PRO A 98 9.30 5.33 25.29
CA PRO A 98 10.76 5.34 25.06
C PRO A 98 11.39 4.17 25.80
N GLU A 99 12.25 3.43 25.10
CA GLU A 99 12.97 2.30 25.68
C GLU A 99 14.07 1.97 24.69
N THR A 100 15.18 1.48 25.22
CA THR A 100 16.27 0.98 24.42
C THR A 100 16.10 -0.51 24.10
N PHE A 101 16.07 -0.86 22.82
CA PHE A 101 15.95 -2.26 22.45
C PHE A 101 16.51 -2.47 21.07
N ALA A 102 16.81 -3.73 20.75
CA ALA A 102 17.25 -4.10 19.42
C ALA A 102 16.14 -4.95 18.82
N VAL A 103 15.98 -4.93 17.51
CA VAL A 103 15.11 -5.90 16.89
C VAL A 103 15.96 -7.00 16.29
N VAL A 104 15.65 -8.25 16.62
CA VAL A 104 16.24 -9.35 15.87
C VAL A 104 15.22 -9.75 14.81
N ASP A 105 15.55 -9.46 13.56
CA ASP A 105 14.65 -9.57 12.44
C ASP A 105 15.03 -10.80 11.67
N LEU A 106 14.13 -11.78 11.65
CA LEU A 106 14.45 -13.13 11.17
C LEU A 106 14.18 -13.36 9.68
N ASN A 107 13.91 -12.29 8.95
CA ASN A 107 13.42 -12.41 7.57
C ASN A 107 14.32 -13.15 6.56
N LYS A 108 15.62 -13.16 6.80
CA LYS A 108 16.55 -13.85 5.88
C LYS A 108 16.62 -15.33 6.14
N MET A 109 16.12 -15.76 7.30
CA MET A 109 16.01 -17.19 7.61
C MET A 109 14.61 -17.66 7.24
N ARG A 110 14.47 -18.08 5.98
CA ARG A 110 13.17 -18.43 5.44
C ARG A 110 13.17 -19.84 4.85
N ALA A 111 14.10 -20.68 5.29
CA ALA A 111 14.18 -22.05 4.78
C ALA A 111 12.94 -22.88 5.15
N VAL A 112 12.47 -23.68 4.19
CA VAL A 112 11.41 -24.67 4.42
C VAL A 112 11.90 -26.02 3.87
N TRP A 113 12.17 -27.01 4.73
CA TRP A 113 12.56 -28.33 4.23
C TRP A 113 11.41 -29.29 4.44
N VAL A 114 10.87 -29.81 3.36
CA VAL A 114 9.72 -30.71 3.48
C VAL A 114 10.13 -32.19 3.30
N ASP A 115 9.78 -33.03 4.30
CA ASP A 115 9.95 -34.47 4.20
C ASP A 115 8.60 -35.06 3.79
N GLY A 116 8.38 -35.16 2.49
CA GLY A 116 7.06 -35.53 1.95
C GLY A 116 6.66 -36.94 2.36
N LYS A 117 7.65 -37.83 2.40
CA LYS A 117 7.51 -39.21 2.86
C LYS A 117 7.11 -39.35 4.34
N ALA A 118 7.80 -38.65 5.24
CA ALA A 118 7.43 -38.68 6.65
C ALA A 118 6.22 -37.76 6.92
N ARG A 119 5.91 -36.88 5.97
CA ARG A 119 4.82 -35.89 6.15
C ARG A 119 5.14 -34.98 7.33
N THR A 120 6.36 -34.49 7.34
CA THR A 120 6.82 -33.51 8.30
C THR A 120 7.61 -32.46 7.53
N ALA A 121 7.77 -31.27 8.09
CA ALA A 121 8.56 -30.20 7.47
C ALA A 121 9.21 -29.41 8.59
N TRP A 122 10.40 -28.86 8.30
CA TRP A 122 11.03 -27.85 9.16
C TRP A 122 10.87 -26.54 8.43
N VAL A 123 10.42 -25.53 9.15
CA VAL A 123 10.22 -24.20 8.58
C VAL A 123 10.82 -23.16 9.50
N ASP A 124 11.71 -22.32 8.95
CA ASP A 124 12.26 -21.19 9.69
C ASP A 124 11.14 -20.20 10.02
N SER A 125 11.22 -19.60 11.20
CA SER A 125 10.28 -18.58 11.61
C SER A 125 10.20 -17.39 10.67
N GLY A 126 11.32 -17.03 10.03
CA GLY A 126 11.34 -15.90 9.11
C GLY A 126 10.62 -16.15 7.81
N ALA A 127 10.25 -17.40 7.53
CA ALA A 127 9.43 -17.67 6.35
C ALA A 127 8.06 -17.04 6.52
N GLN A 128 7.44 -16.65 5.42
CA GLN A 128 6.03 -16.28 5.51
C GLN A 128 5.18 -17.47 5.19
N LEU A 129 3.91 -17.44 5.61
CA LEU A 129 3.02 -18.56 5.36
C LEU A 129 2.99 -18.95 3.88
N GLY A 130 2.97 -17.96 2.99
CA GLY A 130 3.00 -18.24 1.54
C GLY A 130 4.16 -19.12 1.12
N GLU A 131 5.32 -18.94 1.73
CA GLU A 131 6.53 -19.73 1.40
C GLU A 131 6.44 -21.16 1.94
N LEU A 132 5.96 -21.29 3.17
CA LEU A 132 5.63 -22.59 3.75
C LEU A 132 4.63 -23.36 2.87
N TYR A 133 3.52 -22.70 2.56
CA TYR A 133 2.45 -23.35 1.83
C TYR A 133 2.97 -23.80 0.46
N TYR A 134 3.69 -22.92 -0.23
CA TYR A 134 4.25 -23.24 -1.54
C TYR A 134 5.18 -24.46 -1.50
N ALA A 135 6.06 -24.52 -0.50
CA ALA A 135 7.00 -25.63 -0.36
C ALA A 135 6.29 -26.97 -0.11
N ILE A 136 5.19 -26.93 0.66
CA ILE A 136 4.37 -28.12 0.87
C ILE A 136 3.82 -28.60 -0.48
N TYR A 137 3.19 -27.69 -1.20
CA TYR A 137 2.67 -28.02 -2.53
C TYR A 137 3.73 -28.63 -3.47
N LYS A 138 4.95 -28.10 -3.43
CA LYS A 138 6.04 -28.65 -4.27
C LYS A 138 6.40 -30.08 -3.87
N ALA A 139 6.22 -30.40 -2.60
CA ALA A 139 6.46 -31.77 -2.14
C ALA A 139 5.30 -32.70 -2.48
N SER A 140 4.07 -32.19 -2.45
CA SER A 140 2.89 -33.03 -2.70
C SER A 140 1.64 -32.19 -2.94
N PRO A 141 0.82 -32.59 -3.92
CA PRO A 141 -0.42 -31.88 -4.18
C PRO A 141 -1.53 -32.28 -3.22
N THR A 142 -1.25 -33.16 -2.27
CA THR A 142 -2.29 -33.66 -1.39
C THR A 142 -1.89 -33.50 0.08
N LEU A 143 -0.94 -32.59 0.33
CA LEU A 143 -0.55 -32.21 1.68
C LEU A 143 -0.76 -30.72 1.91
N ALA A 144 -0.98 -30.37 3.17
CA ALA A 144 -1.31 -29.00 3.58
C ALA A 144 -0.86 -28.79 5.03
N PHE A 145 -0.92 -27.54 5.47
CA PHE A 145 -0.70 -27.22 6.86
C PHE A 145 -1.71 -26.15 7.25
N PRO A 146 -2.37 -26.32 8.42
CA PRO A 146 -3.41 -25.39 8.85
C PRO A 146 -2.87 -24.17 9.58
N ALA A 147 -2.55 -23.10 8.85
CA ALA A 147 -2.19 -21.84 9.50
C ALA A 147 -3.04 -20.72 8.93
N GLY A 148 -2.54 -19.50 9.02
CA GLY A 148 -3.28 -18.28 8.64
C GLY A 148 -3.73 -18.19 7.20
N VAL A 149 -4.62 -17.23 6.95
CA VAL A 149 -5.15 -16.94 5.61
C VAL A 149 -4.23 -16.02 4.78
N CYS A 150 -3.64 -15.00 5.42
CA CYS A 150 -2.80 -14.00 4.73
C CYS A 150 -1.38 -14.57 4.47
N PRO A 151 -0.99 -14.72 3.19
CA PRO A 151 0.32 -15.34 2.86
C PRO A 151 1.56 -14.61 3.37
N THR A 152 1.43 -13.33 3.76
CA THR A 152 2.62 -12.58 4.21
C THR A 152 2.85 -12.67 5.71
N ILE A 153 1.93 -13.34 6.41
CA ILE A 153 2.14 -13.55 7.83
C ILE A 153 3.41 -14.35 8.05
N GLY A 154 4.19 -13.96 9.06
CA GLY A 154 5.39 -14.69 9.44
C GLY A 154 5.02 -15.95 10.19
N VAL A 155 5.72 -17.04 9.87
CA VAL A 155 5.60 -18.28 10.62
C VAL A 155 5.84 -18.05 12.13
N GLY A 156 6.90 -17.30 12.49
CA GLY A 156 7.26 -17.11 13.91
C GLY A 156 6.09 -16.64 14.77
N GLY A 157 5.57 -15.46 14.44
CA GLY A 157 4.41 -14.92 15.18
C GLY A 157 3.13 -15.71 15.04
N ASN A 158 2.86 -16.24 13.83
CA ASN A 158 1.62 -16.98 13.61
C ASN A 158 1.51 -18.24 14.45
N PHE A 159 2.59 -19.03 14.51
CA PHE A 159 2.62 -20.27 15.27
C PHE A 159 2.71 -19.99 16.79
N ALA A 160 3.54 -19.02 17.17
CA ALA A 160 3.69 -18.71 18.60
C ALA A 160 2.36 -18.29 19.26
N GLY A 161 1.52 -17.55 18.53
CA GLY A 161 0.23 -17.10 19.06
C GLY A 161 -0.94 -18.05 18.77
N GLY A 162 -0.66 -19.17 18.08
CA GLY A 162 -1.65 -20.20 17.78
C GLY A 162 -1.77 -20.49 16.29
N GLY A 163 -2.44 -19.59 15.57
CA GLY A 163 -2.50 -19.63 14.12
C GLY A 163 -3.67 -20.43 13.57
N PHE A 164 -4.65 -19.74 13.00
CA PHE A 164 -5.77 -20.46 12.42
C PHE A 164 -6.26 -19.88 11.09
N GLY A 165 -6.97 -20.68 10.34
CA GLY A 165 -7.35 -20.31 8.98
C GLY A 165 -8.38 -21.27 8.48
N MET A 166 -8.42 -21.50 7.17
CA MET A 166 -9.53 -22.18 6.55
C MET A 166 -9.55 -23.70 6.82
N LEU A 167 -8.50 -24.22 7.47
CA LEU A 167 -8.45 -25.64 7.85
C LEU A 167 -8.66 -25.84 9.35
N LEU A 168 -9.01 -24.78 10.08
CA LEU A 168 -9.08 -24.87 11.55
C LEU A 168 -10.11 -25.89 11.98
N ARG A 169 -11.20 -26.06 11.22
CA ARG A 169 -12.25 -27.01 11.59
C ARG A 169 -11.78 -28.44 11.36
N LYS A 170 -10.94 -28.64 10.36
CA LYS A 170 -10.47 -29.98 10.04
C LYS A 170 -9.31 -30.41 10.97
N TYR A 171 -8.41 -29.47 11.28
CA TYR A 171 -7.13 -29.83 11.90
C TYR A 171 -6.75 -28.93 13.08
N GLY A 172 -7.63 -28.04 13.49
CA GLY A 172 -7.30 -27.11 14.59
C GLY A 172 -6.27 -26.03 14.23
N ILE A 173 -5.52 -25.54 15.22
CA ILE A 173 -4.59 -24.44 15.03
C ILE A 173 -3.19 -24.93 14.62
N ALA A 174 -2.40 -24.04 14.02
CA ALA A 174 -1.04 -24.40 13.60
C ALA A 174 -0.22 -24.98 14.77
N ALA A 175 -0.25 -24.26 15.88
CA ALA A 175 0.52 -24.58 17.09
C ALA A 175 0.31 -26.01 17.58
N GLU A 176 -0.91 -26.56 17.41
CA GLU A 176 -1.17 -27.90 17.92
C GLU A 176 -0.71 -28.97 16.93
N ASN A 177 -0.19 -28.50 15.80
CA ASN A 177 0.39 -29.36 14.78
C ASN A 177 1.90 -29.20 14.68
N VAL A 178 2.51 -28.56 15.66
CA VAL A 178 3.98 -28.44 15.75
C VAL A 178 4.52 -29.63 16.59
N ILE A 179 5.55 -30.29 16.08
CA ILE A 179 6.07 -31.53 16.68
C ILE A 179 7.47 -31.36 17.25
N ASP A 180 8.15 -30.29 16.86
CA ASP A 180 9.40 -29.90 17.53
C ASP A 180 9.70 -28.43 17.23
N VAL A 181 10.64 -27.82 17.96
CA VAL A 181 11.14 -26.48 17.60
C VAL A 181 12.63 -26.41 17.87
N LYS A 182 13.26 -25.44 17.22
CA LYS A 182 14.60 -25.00 17.57
C LYS A 182 14.43 -23.60 18.15
N LEU A 183 14.93 -23.38 19.36
CA LEU A 183 14.67 -22.16 20.09
C LEU A 183 15.90 -21.66 20.83
N VAL A 184 16.12 -20.34 20.83
CA VAL A 184 17.15 -19.73 21.66
C VAL A 184 16.49 -19.11 22.90
N ASP A 185 16.97 -19.49 24.09
CA ASP A 185 16.41 -18.98 25.33
C ASP A 185 17.07 -17.67 25.76
N ALA A 186 16.66 -17.18 26.92
CA ALA A 186 17.09 -15.87 27.43
C ALA A 186 18.58 -15.83 27.76
N ASN A 187 19.21 -17.01 27.77
CA ASN A 187 20.64 -17.13 28.05
C ASN A 187 21.42 -17.40 26.77
N GLY A 188 20.73 -17.45 25.64
CA GLY A 188 21.40 -17.71 24.39
C GLY A 188 21.60 -19.19 24.13
N LYS A 189 21.06 -20.03 25.02
CA LYS A 189 21.16 -21.48 24.86
C LYS A 189 20.19 -21.98 23.81
N LEU A 190 20.67 -22.88 22.96
CA LEU A 190 19.87 -23.53 21.90
C LEU A 190 19.08 -24.75 22.42
N HIS A 191 17.77 -24.78 22.19
CA HIS A 191 16.91 -25.85 22.72
C HIS A 191 16.16 -26.53 21.62
N ASP A 192 15.84 -27.80 21.82
CA ASP A 192 14.73 -28.44 21.12
C ASP A 192 13.70 -28.87 22.17
N LYS A 193 12.66 -29.56 21.71
CA LYS A 193 11.54 -30.01 22.54
C LYS A 193 12.04 -30.78 23.76
N LYS A 194 12.99 -31.69 23.52
CA LYS A 194 13.52 -32.54 24.57
C LYS A 194 14.25 -31.74 25.64
N SER A 195 15.20 -30.89 25.22
CA SER A 195 15.96 -30.13 26.19
C SER A 195 15.16 -29.06 26.90
N MET A 196 14.17 -28.45 26.23
CA MET A 196 13.45 -27.37 26.89
CA MET A 196 13.42 -27.37 26.86
C MET A 196 12.40 -27.91 27.88
N GLY A 197 11.90 -29.11 27.63
CA GLY A 197 10.95 -29.74 28.53
C GLY A 197 9.50 -29.47 28.14
N ASP A 198 8.58 -30.24 28.72
CA ASP A 198 7.17 -30.23 28.37
C ASP A 198 6.52 -28.86 28.57
N ASP A 199 6.80 -28.19 29.70
CA ASP A 199 6.14 -26.93 30.05
C ASP A 199 6.53 -25.83 29.05
N HIS A 200 7.84 -25.70 28.80
CA HIS A 200 8.33 -24.69 27.85
C HIS A 200 7.80 -25.00 26.45
N PHE A 201 7.81 -26.27 26.06
CA PHE A 201 7.33 -26.65 24.70
C PHE A 201 5.82 -26.45 24.54
N TRP A 202 5.08 -26.68 25.62
CA TRP A 202 3.62 -26.44 25.62
C TRP A 202 3.37 -24.93 25.44
N ALA A 203 4.10 -24.13 26.23
CA ALA A 203 3.93 -22.64 26.23
C ALA A 203 4.22 -21.97 24.89
N VAL A 204 5.33 -22.39 24.28
CA VAL A 204 5.83 -21.75 23.07
C VAL A 204 4.83 -21.96 21.90
N ARG A 205 4.15 -23.10 21.92
CA ARG A 205 3.21 -23.43 20.86
C ARG A 205 1.83 -22.87 21.24
N GLY A 206 1.62 -21.56 21.02
CA GLY A 206 0.31 -20.94 21.31
C GLY A 206 0.23 -19.93 22.43
N GLY A 207 1.26 -19.82 23.24
CA GLY A 207 1.23 -18.95 24.39
C GLY A 207 1.67 -17.51 24.09
N GLY A 208 1.76 -17.15 22.81
CA GLY A 208 2.08 -15.78 22.41
C GLY A 208 3.52 -15.63 22.02
N GLY A 209 3.80 -14.71 21.10
CA GLY A 209 5.16 -14.44 20.65
C GLY A 209 6.00 -13.78 21.73
N GLU A 210 7.33 -13.82 21.52
CA GLU A 210 8.30 -13.13 22.39
C GLU A 210 8.53 -13.79 23.75
N SER A 211 7.45 -14.05 24.50
CA SER A 211 7.52 -14.37 25.91
C SER A 211 8.46 -15.53 26.29
N PHE A 212 8.53 -16.52 25.41
CA PHE A 212 9.18 -17.77 25.75
C PHE A 212 10.48 -17.97 24.98
N GLY A 213 10.98 -16.90 24.36
CA GLY A 213 12.21 -16.97 23.61
C GLY A 213 12.03 -16.94 22.10
N ILE A 214 13.15 -17.02 21.40
CA ILE A 214 13.14 -16.81 19.98
C ILE A 214 13.10 -18.17 19.35
N VAL A 215 12.00 -18.47 18.67
CA VAL A 215 11.92 -19.72 17.95
C VAL A 215 12.61 -19.50 16.63
N VAL A 216 13.55 -20.38 16.33
CA VAL A 216 14.35 -20.27 15.11
C VAL A 216 13.61 -21.00 13.97
N ALA A 217 13.09 -22.19 14.26
CA ALA A 217 12.43 -23.01 13.26
C ALA A 217 11.46 -23.94 13.98
N TRP A 218 10.44 -24.38 13.27
CA TRP A 218 9.37 -25.18 13.86
C TRP A 218 9.31 -26.41 12.99
N GLN A 219 9.19 -27.58 13.59
CA GLN A 219 8.92 -28.78 12.81
C GLN A 219 7.44 -29.05 12.88
N VAL A 220 6.83 -29.32 11.74
CA VAL A 220 5.38 -29.47 11.73
C VAL A 220 5.00 -30.82 11.14
N LYS A 221 3.82 -31.31 11.51
CA LYS A 221 3.26 -32.44 10.82
C LYS A 221 2.41 -31.93 9.64
N LEU A 222 2.54 -32.61 8.50
CA LEU A 222 1.82 -32.22 7.30
C LEU A 222 0.60 -33.12 7.19
N LEU A 223 -0.51 -32.54 6.75
CA LEU A 223 -1.80 -33.22 6.87
C LEU A 223 -2.45 -33.40 5.51
N PRO A 224 -3.27 -34.46 5.36
CA PRO A 224 -3.84 -34.72 4.03
C PRO A 224 -4.91 -33.72 3.60
N VAL A 225 -4.89 -33.36 2.33
CA VAL A 225 -6.04 -32.69 1.69
C VAL A 225 -6.32 -33.40 0.36
N PRO A 226 -7.58 -33.38 -0.11
CA PRO A 226 -7.85 -34.00 -1.38
C PRO A 226 -7.19 -33.22 -2.50
N PRO A 227 -6.94 -33.86 -3.65
CA PRO A 227 -6.33 -33.14 -4.79
C PRO A 227 -7.18 -31.97 -5.31
N THR A 228 -8.50 -32.05 -5.11
CA THR A 228 -9.42 -30.94 -5.41
C THR A 228 -10.18 -30.47 -4.16
N VAL A 229 -10.17 -29.16 -3.90
CA VAL A 229 -11.02 -28.58 -2.87
C VAL A 229 -11.98 -27.62 -3.57
N THR A 230 -13.04 -27.21 -2.90
CA THR A 230 -14.04 -26.36 -3.53
C THR A 230 -14.22 -25.11 -2.71
N ILE A 231 -14.13 -23.95 -3.36
CA ILE A 231 -14.34 -22.69 -2.67
C ILE A 231 -15.58 -22.00 -3.24
N PHE A 232 -16.37 -21.37 -2.37
CA PHE A 232 -17.41 -20.47 -2.82
C PHE A 232 -17.33 -19.15 -2.07
N LYS A 233 -17.83 -18.10 -2.70
CA LYS A 233 -17.94 -16.79 -2.06
C LYS A 233 -19.29 -16.23 -2.45
N ILE A 234 -20.25 -16.32 -1.54
CA ILE A 234 -21.61 -15.93 -1.86
C ILE A 234 -21.99 -14.74 -1.01
N SER A 235 -22.34 -13.62 -1.66
CA SER A 235 -22.71 -12.38 -0.96
CA SER A 235 -22.70 -12.40 -0.95
C SER A 235 -24.21 -12.25 -0.77
N LYS A 236 -24.60 -11.76 0.40
CA LYS A 236 -26.00 -11.50 0.72
C LYS A 236 -26.16 -10.12 1.37
N THR A 237 -26.97 -9.25 0.76
CA THR A 237 -27.41 -8.02 1.44
C THR A 237 -28.57 -8.40 2.36
N VAL A 238 -29.06 -7.47 3.18
CA VAL A 238 -30.23 -7.78 4.03
C VAL A 238 -31.53 -8.11 3.26
N SER A 239 -31.78 -7.44 2.14
CA SER A 239 -32.99 -7.72 1.38
C SER A 239 -32.89 -9.09 0.72
N GLU A 240 -31.66 -9.58 0.50
CA GLU A 240 -31.45 -10.91 -0.07
C GLU A 240 -31.50 -12.00 1.01
N GLY A 241 -31.78 -11.59 2.25
CA GLY A 241 -31.93 -12.51 3.37
C GLY A 241 -30.80 -12.60 4.41
N ALA A 242 -29.86 -11.67 4.40
CA ALA A 242 -28.64 -11.85 5.21
C ALA A 242 -28.90 -12.05 6.70
N VAL A 243 -29.91 -11.37 7.25
CA VAL A 243 -30.23 -11.52 8.67
C VAL A 243 -30.65 -12.95 9.04
N ASP A 244 -31.58 -13.54 8.29
CA ASP A 244 -32.00 -14.91 8.57
C ASP A 244 -30.94 -15.96 8.23
N ILE A 245 -30.19 -15.73 7.15
CA ILE A 245 -29.11 -16.65 6.78
C ILE A 245 -28.02 -16.68 7.90
N ILE A 246 -27.65 -15.50 8.41
CA ILE A 246 -26.60 -15.42 9.45
C ILE A 246 -27.11 -15.96 10.79
N ASN A 247 -28.40 -15.74 11.05
CA ASN A 247 -29.04 -16.26 12.26
C ASN A 247 -29.05 -17.79 12.30
N LYS A 248 -29.21 -18.41 11.13
CA LYS A 248 -29.06 -19.85 10.97
C LYS A 248 -27.60 -20.34 10.99
N TRP A 249 -26.75 -19.62 10.26
CA TRP A 249 -25.32 -19.91 10.16
C TRP A 249 -24.69 -20.12 11.54
N GLN A 250 -24.99 -19.25 12.50
CA GLN A 250 -24.33 -19.35 13.83
C GLN A 250 -24.54 -20.69 14.54
N VAL A 251 -25.64 -21.36 14.21
CA VAL A 251 -25.97 -22.66 14.78
C VAL A 251 -25.44 -23.77 13.87
N VAL A 252 -25.67 -23.61 12.56
CA VAL A 252 -25.37 -24.65 11.59
C VAL A 252 -23.86 -24.81 11.33
N ALA A 253 -23.19 -23.69 11.06
CA ALA A 253 -21.78 -23.74 10.64
C ALA A 253 -20.85 -24.43 11.63
N PRO A 254 -21.00 -24.18 12.94
CA PRO A 254 -20.13 -24.88 13.90
C PRO A 254 -20.40 -26.40 14.01
N GLN A 255 -21.54 -26.85 13.50
CA GLN A 255 -21.96 -28.26 13.53
C GLN A 255 -21.78 -28.99 12.21
N LEU A 256 -21.31 -28.29 11.18
CA LEU A 256 -21.13 -28.91 9.88
C LEU A 256 -20.00 -29.94 9.94
N PRO A 257 -19.94 -30.89 8.97
CA PRO A 257 -18.81 -31.83 8.92
C PRO A 257 -17.50 -31.05 8.89
N ALA A 258 -16.46 -31.65 9.49
CA ALA A 258 -15.12 -31.07 9.59
C ALA A 258 -14.58 -30.61 8.25
N ASP A 259 -14.97 -31.28 7.15
CA ASP A 259 -14.49 -30.93 5.81
C ASP A 259 -14.99 -29.56 5.29
N LEU A 260 -15.95 -28.95 5.96
CA LEU A 260 -16.58 -27.73 5.45
C LEU A 260 -16.43 -26.57 6.43
N MET A 261 -15.80 -25.48 6.00
CA MET A 261 -15.74 -24.30 6.83
C MET A 261 -16.32 -23.14 6.05
N ILE A 262 -17.26 -22.46 6.67
CA ILE A 262 -17.88 -21.30 6.03
C ILE A 262 -17.65 -20.09 6.90
N ARG A 263 -16.66 -19.28 6.55
CA ARG A 263 -16.47 -18.04 7.29
C ARG A 263 -17.30 -16.93 6.63
N ILE A 264 -17.50 -15.86 7.38
CA ILE A 264 -18.22 -14.68 6.87
C ILE A 264 -17.34 -13.42 6.92
N ILE A 265 -17.35 -12.67 5.83
CA ILE A 265 -16.77 -11.33 5.82
C ILE A 265 -17.92 -10.34 5.60
N ALA A 266 -18.18 -9.50 6.60
CA ALA A 266 -19.29 -8.56 6.52
C ALA A 266 -18.79 -7.14 6.53
N GLN A 267 -19.15 -6.40 5.49
CA GLN A 267 -18.72 -5.00 5.39
C GLN A 267 -19.82 -4.20 4.71
N GLY A 268 -20.20 -3.08 5.31
CA GLY A 268 -21.23 -2.24 4.69
C GLY A 268 -22.50 -3.03 4.51
N PRO A 269 -23.08 -3.01 3.30
CA PRO A 269 -24.38 -3.66 3.16
C PRO A 269 -24.36 -5.19 2.92
N LYS A 270 -23.19 -5.81 2.84
CA LYS A 270 -23.16 -7.24 2.46
C LYS A 270 -22.31 -8.12 3.37
N ALA A 271 -22.80 -9.35 3.56
CA ALA A 271 -22.09 -10.42 4.23
C ALA A 271 -21.70 -11.42 3.15
N THR A 272 -20.42 -11.69 3.04
CA THR A 272 -19.94 -12.64 2.06
C THR A 272 -19.61 -13.92 2.82
N PHE A 273 -20.29 -15.01 2.46
CA PHE A 273 -20.07 -16.33 3.03
C PHE A 273 -19.03 -17.02 2.20
N GLU A 274 -17.85 -17.23 2.77
CA GLU A 274 -16.73 -17.81 2.01
C GLU A 274 -16.44 -19.20 2.55
N ALA A 275 -16.59 -20.19 1.68
CA ALA A 275 -16.38 -21.57 2.12
C ALA A 275 -15.15 -22.21 1.54
N MET A 276 -14.44 -22.96 2.37
CA MET A 276 -13.55 -23.98 1.85
C MET A 276 -14.05 -25.37 2.25
N TYR A 277 -14.26 -26.19 1.22
CA TYR A 277 -14.74 -27.54 1.40
C TYR A 277 -13.68 -28.50 0.90
N LEU A 278 -13.34 -29.48 1.74
CA LEU A 278 -12.34 -30.48 1.41
C LEU A 278 -13.02 -31.59 0.61
N GLY A 279 -13.35 -31.27 -0.64
CA GLY A 279 -14.14 -32.15 -1.51
C GLY A 279 -14.58 -31.47 -2.78
N THR A 280 -15.47 -32.12 -3.51
CA THR A 280 -15.91 -31.65 -4.82
C THR A 280 -17.26 -30.93 -4.78
N CYS A 281 -17.58 -30.23 -5.86
CA CYS A 281 -18.86 -29.56 -5.98
C CYS A 281 -19.96 -30.61 -5.86
N LYS A 282 -19.71 -31.77 -6.46
CA LYS A 282 -20.68 -32.86 -6.47
C LYS A 282 -21.18 -33.27 -5.08
N THR A 283 -20.28 -33.32 -4.10
CA THR A 283 -20.70 -33.67 -2.75
C THR A 283 -21.07 -32.42 -1.94
N LEU A 284 -20.47 -31.28 -2.26
CA LEU A 284 -20.81 -30.03 -1.58
C LEU A 284 -22.27 -29.63 -1.81
N THR A 285 -22.76 -29.80 -3.03
CA THR A 285 -24.08 -29.32 -3.38
C THR A 285 -25.21 -29.91 -2.54
N PRO A 286 -25.30 -31.26 -2.42
CA PRO A 286 -26.37 -31.80 -1.58
C PRO A 286 -26.17 -31.51 -0.08
N LEU A 287 -24.93 -31.38 0.35
CA LEU A 287 -24.64 -31.09 1.75
C LEU A 287 -25.21 -29.70 2.12
N MET A 288 -24.97 -28.74 1.25
CA MET A 288 -25.46 -27.38 1.46
C MET A 288 -26.98 -27.34 1.42
N SER A 289 -27.57 -27.98 0.42
CA SER A 289 -29.02 -27.93 0.26
CA SER A 289 -29.02 -27.93 0.23
C SER A 289 -29.70 -28.62 1.41
N SER A 290 -29.04 -29.63 1.97
CA SER A 290 -29.58 -30.34 3.11
C SER A 290 -29.39 -29.60 4.44
N LYS A 291 -28.19 -29.06 4.68
CA LYS A 291 -27.82 -28.52 6.02
C LYS A 291 -27.91 -27.00 6.13
N PHE A 292 -27.70 -26.31 5.03
CA PHE A 292 -27.68 -24.85 5.06
C PHE A 292 -28.41 -24.30 3.83
N PRO A 293 -29.68 -24.72 3.64
CA PRO A 293 -30.42 -24.31 2.44
C PRO A 293 -30.66 -22.78 2.31
N GLU A 294 -30.66 -22.06 3.43
CA GLU A 294 -30.90 -20.61 3.47
C GLU A 294 -29.93 -19.83 2.58
N LEU A 295 -28.75 -20.39 2.35
CA LEU A 295 -27.75 -19.69 1.56
C LEU A 295 -28.04 -19.73 0.04
N GLY A 296 -28.83 -20.71 -0.40
CA GLY A 296 -29.10 -20.87 -1.83
C GLY A 296 -27.87 -21.18 -2.63
N MET A 297 -27.00 -22.03 -2.10
CA MET A 297 -25.79 -22.41 -2.82
C MET A 297 -26.16 -23.39 -3.94
N ASN A 298 -25.57 -23.22 -5.12
CA ASN A 298 -25.82 -24.08 -6.29
C ASN A 298 -24.48 -24.37 -6.91
N PRO A 299 -24.40 -25.37 -7.82
CA PRO A 299 -23.14 -25.70 -8.47
C PRO A 299 -22.43 -24.53 -9.16
N SER A 300 -23.16 -23.53 -9.63
CA SER A 300 -22.53 -22.38 -10.30
C SER A 300 -21.61 -21.59 -9.35
N HIS A 301 -21.87 -21.69 -8.04
CA HIS A 301 -21.02 -20.98 -7.06
C HIS A 301 -19.70 -21.70 -6.76
N CYS A 302 -19.56 -22.93 -7.25
CA CYS A 302 -18.39 -23.73 -6.92
C CYS A 302 -17.15 -23.28 -7.73
N ASN A 303 -16.01 -23.21 -7.04
CA ASN A 303 -14.71 -23.01 -7.66
C ASN A 303 -13.81 -24.15 -7.17
N GLU A 304 -13.64 -25.15 -8.03
CA GLU A 304 -12.77 -26.29 -7.73
C GLU A 304 -11.35 -25.95 -8.10
N MET A 305 -10.39 -26.27 -7.23
CA MET A 305 -8.97 -25.96 -7.46
C MET A 305 -8.15 -26.81 -6.50
N SER A 306 -6.82 -26.75 -6.57
CA SER A 306 -6.01 -27.45 -5.58
C SER A 306 -6.00 -26.65 -4.28
N TRP A 307 -5.70 -27.31 -3.17
CA TRP A 307 -5.50 -26.60 -1.92
C TRP A 307 -4.56 -25.42 -2.13
N ILE A 308 -3.39 -25.61 -2.75
CA ILE A 308 -2.45 -24.47 -2.81
C ILE A 308 -3.10 -23.25 -3.52
N GLN A 309 -3.92 -23.53 -4.52
CA GLN A 309 -4.59 -22.49 -5.29
C GLN A 309 -5.63 -21.75 -4.47
N SER A 310 -6.14 -22.42 -3.44
CA SER A 310 -7.15 -21.80 -2.58
C SER A 310 -6.57 -20.69 -1.72
N ILE A 311 -5.26 -20.69 -1.52
CA ILE A 311 -4.66 -19.67 -0.65
C ILE A 311 -4.78 -18.25 -1.27
N PRO A 312 -4.26 -18.07 -2.51
CA PRO A 312 -4.50 -16.76 -3.12
C PRO A 312 -5.98 -16.53 -3.38
N PHE A 313 -6.74 -17.60 -3.60
CA PHE A 313 -8.13 -17.43 -3.99
C PHE A 313 -8.97 -16.92 -2.82
N VAL A 314 -8.79 -17.55 -1.67
CA VAL A 314 -9.55 -17.18 -0.47
C VAL A 314 -9.21 -15.75 -0.06
N HIS A 315 -7.92 -15.44 -0.03
CA HIS A 315 -7.50 -14.16 0.53
C HIS A 315 -7.71 -12.97 -0.42
N LEU A 316 -7.44 -13.16 -1.71
CA LEU A 316 -7.32 -12.06 -2.68
C LEU A 316 -8.28 -12.21 -3.87
N GLY A 317 -8.85 -13.40 -4.03
CA GLY A 317 -9.67 -13.69 -5.19
C GLY A 317 -8.87 -14.04 -6.45
N HIS A 318 -7.54 -14.14 -6.35
CA HIS A 318 -6.68 -14.34 -7.52
C HIS A 318 -6.68 -15.79 -7.99
N ARG A 319 -6.68 -16.01 -9.30
CA ARG A 319 -6.54 -17.37 -9.82
C ARG A 319 -5.27 -17.70 -10.57
N ASP A 320 -4.53 -16.71 -11.06
CA ASP A 320 -3.28 -17.07 -11.77
C ASP A 320 -2.01 -16.27 -11.50
N ALA A 321 -1.81 -15.85 -10.26
CA ALA A 321 -0.54 -15.29 -9.84
C ALA A 321 0.01 -16.06 -8.63
N LEU A 322 0.01 -17.39 -8.72
CA LEU A 322 0.35 -18.26 -7.58
C LEU A 322 1.66 -17.87 -6.88
N GLU A 323 2.78 -17.93 -7.62
CA GLU A 323 4.07 -17.55 -7.08
C GLU A 323 4.14 -16.10 -6.62
N ASP A 324 3.57 -15.15 -7.37
CA ASP A 324 3.53 -13.76 -6.92
C ASP A 324 2.79 -13.64 -5.58
N ASP A 325 1.62 -14.29 -5.47
CA ASP A 325 0.79 -14.10 -4.28
C ASP A 325 1.40 -14.74 -3.02
N LEU A 326 2.02 -15.89 -3.18
CA LEU A 326 2.62 -16.61 -2.05
C LEU A 326 4.04 -16.17 -1.72
N LEU A 327 4.80 -15.79 -2.74
CA LEU A 327 6.25 -15.65 -2.58
C LEU A 327 6.77 -14.20 -2.54
N ASN A 328 6.01 -13.26 -3.11
CA ASN A 328 6.38 -11.84 -3.10
C ASN A 328 6.55 -11.31 -1.68
N ARG A 329 7.66 -10.61 -1.47
CA ARG A 329 7.96 -9.96 -0.21
C ARG A 329 7.97 -8.44 -0.30
N GLN A 330 7.45 -7.89 -1.40
CA GLN A 330 7.32 -6.44 -1.51
C GLN A 330 5.99 -6.06 -0.85
N ASN A 331 6.08 -5.39 0.30
CA ASN A 331 4.92 -5.12 1.19
C ASN A 331 3.74 -4.53 0.44
N SER A 332 3.66 -3.21 0.40
CA SER A 332 2.62 -2.55 -0.42
C SER A 332 1.18 -2.59 0.11
N PHE A 333 0.91 -3.35 1.17
CA PHE A 333 -0.36 -3.14 1.90
C PHE A 333 -0.05 -2.71 3.31
N LYS A 334 -0.27 -1.43 3.56
CA LYS A 334 0.07 -0.85 4.84
C LYS A 334 -1.06 0.10 5.29
N PRO A 335 -2.28 -0.42 5.55
CA PRO A 335 -3.33 0.50 6.00
C PRO A 335 -2.99 1.05 7.37
N PHE A 336 -3.60 2.14 7.76
CA PHE A 336 -3.67 2.41 9.20
C PHE A 336 -4.78 1.45 9.67
N ALA A 337 -4.54 0.72 10.75
CA ALA A 337 -5.46 -0.34 11.13
C ALA A 337 -5.67 -0.50 12.63
N GLU A 338 -6.92 -0.79 13.00
CA GLU A 338 -7.30 -1.08 14.39
C GLU A 338 -8.00 -2.40 14.36
N TYR A 339 -7.72 -3.26 15.35
CA TYR A 339 -8.33 -4.59 15.39
C TYR A 339 -8.78 -4.97 16.80
N LYS A 340 -9.90 -5.71 16.87
CA LYS A 340 -10.38 -6.30 18.12
C LYS A 340 -10.95 -7.67 17.79
N SER A 341 -11.23 -8.47 18.82
CA SER A 341 -11.82 -9.78 18.61
C SER A 341 -12.65 -10.23 19.80
N ASP A 342 -13.56 -11.15 19.54
CA ASP A 342 -14.44 -11.74 20.55
C ASP A 342 -14.66 -13.22 20.21
N TYR A 343 -15.13 -13.94 21.22
CA TYR A 343 -15.55 -15.31 21.04
C TYR A 343 -17.02 -15.42 21.45
N VAL A 344 -17.77 -16.21 20.70
CA VAL A 344 -19.19 -16.40 20.99
C VAL A 344 -19.51 -17.86 21.34
N TYR A 345 -20.17 -18.07 22.47
CA TYR A 345 -20.53 -19.41 22.98
C TYR A 345 -22.02 -19.74 22.86
N GLN A 346 -22.84 -18.69 22.79
CA GLN A 346 -24.29 -18.84 22.69
C GLN A 346 -24.82 -18.04 21.53
N PRO A 347 -25.83 -18.58 20.82
CA PRO A 347 -26.37 -17.92 19.63
C PRO A 347 -26.86 -16.50 19.94
N PHE A 348 -26.55 -15.53 19.07
CA PHE A 348 -27.08 -14.19 19.25
C PHE A 348 -28.57 -14.27 19.00
N PRO A 349 -29.37 -13.46 19.72
CA PRO A 349 -30.77 -13.27 19.31
C PRO A 349 -30.82 -12.69 17.90
N LYS A 350 -31.87 -13.01 17.16
CA LYS A 350 -31.98 -12.54 15.80
C LYS A 350 -31.93 -11.01 15.74
N THR A 351 -32.50 -10.35 16.75
CA THR A 351 -32.47 -8.88 16.84
C THR A 351 -31.04 -8.28 16.93
N VAL A 352 -30.08 -9.06 17.46
CA VAL A 352 -28.69 -8.59 17.50
C VAL A 352 -28.07 -8.58 16.09
N TRP A 353 -28.30 -9.65 15.34
CA TRP A 353 -27.92 -9.68 13.94
C TRP A 353 -28.57 -8.52 13.19
N GLU A 354 -29.86 -8.26 13.46
CA GLU A 354 -30.51 -7.10 12.87
C GLU A 354 -29.75 -5.80 13.19
N GLN A 355 -29.41 -5.57 14.45
CA GLN A 355 -28.64 -4.38 14.81
C GLN A 355 -27.29 -4.37 14.08
N ILE A 356 -26.63 -5.52 14.01
CA ILE A 356 -25.28 -5.54 13.42
C ILE A 356 -25.32 -5.18 11.93
N LEU A 357 -26.20 -5.86 11.18
CA LEU A 357 -26.28 -5.69 9.74
C LEU A 357 -27.01 -4.41 9.34
N ASN A 358 -28.08 -4.07 10.05
CA ASN A 358 -28.88 -2.86 9.72
C ASN A 358 -28.32 -1.54 10.21
N THR A 359 -27.73 -1.50 11.40
CA THR A 359 -27.19 -0.24 11.90
C THR A 359 -25.64 -0.17 12.00
N TRP A 360 -25.03 -1.12 12.71
CA TRP A 360 -23.58 -1.03 13.03
C TRP A 360 -22.67 -1.02 11.80
N LEU A 361 -22.90 -1.92 10.86
CA LEU A 361 -22.04 -2.05 9.68
C LEU A 361 -22.16 -0.88 8.70
N VAL A 362 -23.22 -0.09 8.83
CA VAL A 362 -23.37 1.09 7.95
C VAL A 362 -23.18 2.44 8.63
N LYS A 363 -22.81 2.47 9.91
CA LYS A 363 -22.48 3.74 10.60
C LYS A 363 -21.25 4.46 10.03
N PRO A 364 -21.11 5.77 10.32
CA PRO A 364 -19.85 6.44 9.96
C PRO A 364 -18.69 5.71 10.63
N GLY A 365 -17.59 5.49 9.92
CA GLY A 365 -16.42 4.78 10.48
C GLY A 365 -16.51 3.26 10.61
N ALA A 366 -17.58 2.65 10.09
CA ALA A 366 -17.80 1.19 10.23
C ALA A 366 -16.63 0.41 9.63
N GLY A 367 -16.29 -0.71 10.28
CA GLY A 367 -15.20 -1.54 9.83
C GLY A 367 -15.75 -2.80 9.18
N ILE A 368 -14.88 -3.82 9.10
CA ILE A 368 -15.19 -5.16 8.57
C ILE A 368 -15.35 -6.06 9.77
N MET A 369 -16.34 -6.94 9.72
CA MET A 369 -16.48 -8.02 10.70
C MET A 369 -16.29 -9.38 10.05
N ILE A 370 -15.33 -10.12 10.57
CA ILE A 370 -15.02 -11.46 10.10
C ILE A 370 -15.44 -12.48 11.15
N PHE A 371 -16.23 -13.46 10.72
CA PHE A 371 -16.77 -14.51 11.58
C PHE A 371 -16.24 -15.86 11.10
N ASP A 372 -15.49 -16.55 11.96
CA ASP A 372 -14.98 -17.91 11.70
C ASP A 372 -15.69 -18.89 12.62
N PRO A 373 -16.41 -19.90 12.06
CA PRO A 373 -17.07 -20.88 12.92
C PRO A 373 -16.06 -21.91 13.44
N TYR A 374 -16.21 -22.31 14.71
CA TYR A 374 -15.40 -23.37 15.32
C TYR A 374 -16.17 -24.69 15.32
N GLY A 375 -16.19 -25.39 16.45
CA GLY A 375 -16.69 -26.76 16.50
C GLY A 375 -15.67 -27.72 15.90
N ALA A 376 -16.09 -28.94 15.55
CA ALA A 376 -15.21 -30.00 15.01
C ALA A 376 -13.86 -30.14 15.71
N THR A 377 -12.77 -30.21 14.94
CA THR A 377 -11.47 -30.49 15.54
C THR A 377 -10.96 -29.40 16.47
N ILE A 378 -11.04 -28.13 16.07
CA ILE A 378 -10.55 -27.09 16.97
C ILE A 378 -11.22 -27.15 18.38
N SER A 379 -12.51 -27.41 18.41
CA SER A 379 -13.29 -27.49 19.65
C SER A 379 -13.20 -28.86 20.35
N ALA A 380 -12.72 -29.87 19.63
CA ALA A 380 -12.52 -31.20 20.22
C ALA A 380 -11.30 -31.26 21.13
N THR A 381 -10.28 -30.45 20.82
CA THR A 381 -9.04 -30.43 21.57
C THR A 381 -9.35 -29.88 22.98
N PRO A 382 -8.90 -30.58 24.03
CA PRO A 382 -9.10 -30.10 25.40
C PRO A 382 -8.58 -28.65 25.60
N GLU A 383 -9.29 -27.85 26.40
CA GLU A 383 -8.96 -26.44 26.56
C GLU A 383 -7.57 -26.20 27.12
N SER A 384 -7.09 -27.09 27.97
CA SER A 384 -5.75 -26.91 28.56
C SER A 384 -4.64 -27.65 27.79
N ALA A 385 -4.99 -28.34 26.69
CA ALA A 385 -4.02 -29.16 25.95
C ALA A 385 -2.93 -28.29 25.27
N THR A 386 -3.32 -27.06 24.93
CA THR A 386 -2.42 -26.01 24.42
C THR A 386 -2.81 -24.73 25.12
N PRO A 387 -1.96 -23.69 25.05
CA PRO A 387 -2.34 -22.44 25.70
C PRO A 387 -3.60 -21.77 25.10
N PHE A 388 -3.91 -22.06 23.84
CA PHE A 388 -5.13 -21.58 23.14
C PHE A 388 -6.40 -22.22 23.76
N PRO A 389 -7.23 -21.42 24.46
CA PRO A 389 -8.34 -22.03 25.23
C PRO A 389 -9.72 -21.96 24.57
N HIS A 390 -9.83 -21.34 23.40
CA HIS A 390 -11.15 -21.04 22.82
C HIS A 390 -11.57 -22.24 22.01
N ARG A 391 -12.12 -23.24 22.69
CA ARG A 391 -12.31 -24.51 22.06
C ARG A 391 -13.73 -25.07 22.25
N LYS A 392 -13.91 -25.96 23.23
CA LYS A 392 -15.23 -26.59 23.47
C LYS A 392 -16.30 -25.54 23.69
N GLY A 393 -17.37 -25.67 22.93
CA GLY A 393 -18.52 -24.80 23.10
C GLY A 393 -18.47 -23.51 22.29
N VAL A 394 -17.30 -23.18 21.72
CA VAL A 394 -17.20 -21.94 20.93
C VAL A 394 -18.05 -22.09 19.66
N LEU A 395 -18.95 -21.16 19.39
CA LEU A 395 -19.66 -21.18 18.11
C LEU A 395 -18.82 -20.52 17.02
N PHE A 396 -18.32 -19.32 17.30
CA PHE A 396 -17.51 -18.58 16.36
C PHE A 396 -16.72 -17.49 17.03
N ASN A 397 -15.65 -17.09 16.30
CA ASN A 397 -14.76 -16.00 16.62
C ASN A 397 -15.26 -14.82 15.80
N ILE A 398 -15.09 -13.63 16.33
CA ILE A 398 -15.36 -12.40 15.58
C ILE A 398 -14.08 -11.60 15.53
N GLN A 399 -13.70 -11.15 14.35
CA GLN A 399 -12.68 -10.12 14.29
C GLN A 399 -13.27 -8.81 13.75
N TYR A 400 -13.01 -7.72 14.49
CA TYR A 400 -13.45 -6.39 14.08
C TYR A 400 -12.26 -5.67 13.48
N VAL A 401 -12.32 -5.34 12.19
CA VAL A 401 -11.13 -4.83 11.49
C VAL A 401 -11.44 -3.44 10.95
N ASN A 402 -10.68 -2.43 11.36
CA ASN A 402 -10.88 -1.07 10.86
C ASN A 402 -9.67 -0.58 10.11
N TYR A 403 -9.82 -0.33 8.82
CA TYR A 403 -8.75 0.29 8.03
C TYR A 403 -9.05 1.76 7.71
N TRP A 404 -8.01 2.57 7.68
CA TRP A 404 -8.12 3.91 7.12
C TRP A 404 -6.80 4.21 6.43
N PHE A 405 -6.74 5.31 5.70
CA PHE A 405 -5.68 5.44 4.69
C PHE A 405 -5.09 6.86 4.63
N ALA A 406 -5.37 7.66 5.65
CA ALA A 406 -4.71 8.95 5.79
C ALA A 406 -4.55 9.17 7.27
N PRO A 407 -3.43 9.79 7.70
CA PRO A 407 -3.19 9.86 9.15
C PRO A 407 -4.25 10.63 9.95
N GLY A 408 -4.93 11.59 9.33
CA GLY A 408 -5.96 12.37 10.02
C GLY A 408 -7.37 11.79 9.96
N ALA A 409 -7.51 10.58 9.43
CA ALA A 409 -8.82 9.95 9.29
C ALA A 409 -9.12 8.83 10.33
N ALA A 410 -8.49 8.90 11.50
CA ALA A 410 -8.56 7.83 12.51
C ALA A 410 -9.79 7.90 13.43
N ALA A 411 -10.31 9.11 13.63
CA ALA A 411 -11.26 9.38 14.70
C ALA A 411 -12.54 8.55 14.56
N ALA A 412 -13.11 8.52 13.37
CA ALA A 412 -14.36 7.79 13.16
C ALA A 412 -14.24 6.26 13.28
N PRO A 413 -13.23 5.66 12.60
CA PRO A 413 -13.05 4.20 12.81
C PRO A 413 -12.70 3.83 14.27
N LEU A 414 -11.85 4.60 14.94
CA LEU A 414 -11.47 4.24 16.32
C LEU A 414 -12.67 4.33 17.25
N SER A 415 -13.50 5.35 17.03
CA SER A 415 -14.71 5.49 17.80
C SER A 415 -15.69 4.34 17.52
N TRP A 416 -15.84 3.93 16.26
CA TRP A 416 -16.75 2.82 15.93
C TRP A 416 -16.29 1.54 16.59
N SER A 417 -14.97 1.29 16.50
CA SER A 417 -14.38 0.09 17.07
C SER A 417 -14.71 -0.04 18.58
N LYS A 418 -14.50 1.03 19.34
CA LYS A 418 -14.85 1.06 20.78
C LYS A 418 -16.34 0.87 21.02
N ASP A 419 -17.17 1.56 20.23
CA ASP A 419 -18.62 1.57 20.45
C ASP A 419 -19.23 0.21 20.14
N ILE A 420 -18.77 -0.40 19.07
CA ILE A 420 -19.28 -1.72 18.76
C ILE A 420 -18.83 -2.78 19.79
N TYR A 421 -17.59 -2.68 20.30
CA TYR A 421 -17.13 -3.64 21.30
C TYR A 421 -18.00 -3.50 22.56
N ASN A 422 -18.36 -2.27 22.89
CA ASN A 422 -19.28 -2.05 24.02
C ASN A 422 -20.66 -2.66 23.74
N TYR A 423 -21.17 -2.44 22.53
CA TYR A 423 -22.49 -2.95 22.18
C TYR A 423 -22.52 -4.48 22.25
N MET A 424 -21.45 -5.12 21.79
CA MET A 424 -21.44 -6.59 21.72
C MET A 424 -21.25 -7.26 23.08
N GLU A 425 -20.87 -6.49 24.10
CA GLU A 425 -20.50 -7.08 25.39
C GLU A 425 -21.50 -8.12 25.97
N PRO A 426 -22.82 -7.81 25.97
CA PRO A 426 -23.72 -8.81 26.57
C PRO A 426 -23.87 -10.11 25.77
N TYR A 427 -23.42 -10.17 24.53
CA TYR A 427 -23.71 -11.33 23.67
C TYR A 427 -22.52 -12.26 23.44
N VAL A 428 -21.35 -11.84 23.90
CA VAL A 428 -20.08 -12.54 23.63
C VAL A 428 -19.61 -13.16 24.95
N SER A 429 -18.49 -13.87 24.95
CA SER A 429 -18.00 -14.52 26.18
C SER A 429 -17.75 -13.47 27.25
N LYS A 430 -17.78 -13.90 28.51
CA LYS A 430 -17.70 -12.96 29.64
C LYS A 430 -16.88 -13.55 30.76
N ASN A 431 -16.21 -12.67 31.48
CA ASN A 431 -15.57 -13.07 32.73
C ASN A 431 -14.64 -14.32 32.66
N PRO A 432 -13.56 -14.28 31.85
CA PRO A 432 -13.10 -13.16 31.02
C PRO A 432 -13.80 -13.06 29.67
N ARG A 433 -13.80 -11.85 29.10
CA ARG A 433 -14.15 -11.67 27.70
C ARG A 433 -12.98 -12.13 26.78
N GLN A 434 -13.14 -13.30 26.16
CA GLN A 434 -12.04 -13.94 25.44
C GLN A 434 -11.65 -13.19 24.17
N ALA A 435 -10.37 -13.26 23.82
CA ALA A 435 -9.85 -12.62 22.61
C ALA A 435 -8.74 -13.51 22.12
N TYR A 436 -8.46 -13.48 20.82
CA TYR A 436 -7.40 -14.28 20.23
C TYR A 436 -6.08 -13.55 20.34
N ALA A 437 -5.06 -14.22 20.90
CA ALA A 437 -3.73 -13.63 21.14
C ALA A 437 -3.13 -13.02 19.88
N ASN A 438 -3.27 -13.66 18.74
CA ASN A 438 -2.71 -13.13 17.49
C ASN A 438 -3.55 -11.98 16.92
N TYR A 439 -4.75 -11.75 17.46
CA TYR A 439 -5.42 -10.47 17.13
C TYR A 439 -5.11 -9.44 18.19
N ARG A 440 -3.86 -9.02 18.26
CA ARG A 440 -3.35 -8.33 19.45
C ARG A 440 -4.02 -6.98 19.62
N ASP A 441 -4.54 -6.73 20.82
CA ASP A 441 -5.33 -5.56 21.07
C ASP A 441 -4.84 -5.00 22.41
N ILE A 442 -4.06 -3.94 22.35
CA ILE A 442 -3.46 -3.36 23.56
C ILE A 442 -4.52 -2.77 24.51
N ASP A 443 -5.70 -2.47 24.00
CA ASP A 443 -6.75 -1.86 24.84
C ASP A 443 -7.32 -2.87 25.81
N LEU A 444 -6.98 -4.15 25.62
CA LEU A 444 -7.41 -5.20 26.58
C LEU A 444 -6.67 -5.07 27.90
N GLY A 445 -5.52 -4.41 27.85
CA GLY A 445 -4.74 -4.18 29.07
C GLY A 445 -3.28 -4.41 28.69
N ARG A 446 -2.39 -3.84 29.49
CA ARG A 446 -0.97 -3.95 29.27
C ARG A 446 -0.26 -4.19 30.62
N ASN A 447 1.01 -4.55 30.54
CA ASN A 447 1.74 -4.86 31.77
C ASN A 447 2.17 -3.62 32.49
N GLU A 448 2.17 -3.70 33.82
CA GLU A 448 2.96 -2.81 34.65
C GLU A 448 4.31 -3.49 34.91
N VAL A 449 5.39 -2.71 34.88
CA VAL A 449 6.74 -3.20 35.14
C VAL A 449 7.20 -2.63 36.48
N VAL A 450 7.59 -3.50 37.39
CA VAL A 450 8.08 -3.11 38.71
C VAL A 450 9.45 -3.78 38.93
N ASN A 451 10.46 -3.00 39.32
CA ASN A 451 11.81 -3.54 39.42
C ASN A 451 12.24 -4.28 38.13
N ASP A 452 11.92 -3.68 36.98
CA ASP A 452 12.30 -4.21 35.67
C ASP A 452 11.67 -5.57 35.28
N VAL A 453 10.63 -5.98 36.01
CA VAL A 453 9.94 -7.23 35.72
C VAL A 453 8.44 -6.98 35.60
N SER A 454 7.82 -7.49 34.52
CA SER A 454 6.37 -7.33 34.34
C SER A 454 5.61 -8.01 35.51
N THR A 455 4.56 -7.37 36.04
CA THR A 455 3.85 -7.97 37.18
C THR A 455 2.80 -8.97 36.76
N TYR A 456 2.63 -10.01 37.58
CA TYR A 456 1.64 -11.08 37.34
C TYR A 456 0.24 -10.46 37.36
N ALA A 457 0.02 -9.58 38.33
CA ALA A 457 -1.28 -8.98 38.57
C ALA A 457 -1.76 -8.16 37.39
N SER A 458 -0.87 -7.40 36.76
CA SER A 458 -1.24 -6.64 35.57
C SER A 458 -1.38 -7.57 34.36
N GLY A 459 -0.53 -8.59 34.28
CA GLY A 459 -0.55 -9.48 33.10
C GLY A 459 -1.81 -10.33 33.06
N LYS A 460 -2.33 -10.64 34.24
CA LYS A 460 -3.50 -11.45 34.39
C LYS A 460 -4.74 -10.85 33.70
N VAL A 461 -4.85 -9.52 33.75
CA VAL A 461 -6.01 -8.81 33.18
C VAL A 461 -6.21 -9.15 31.69
N TRP A 462 -5.21 -8.86 30.87
CA TRP A 462 -5.31 -9.18 29.44
C TRP A 462 -5.00 -10.67 29.24
N GLY A 463 -4.16 -11.24 30.11
CA GLY A 463 -3.75 -12.67 29.96
C GLY A 463 -4.86 -13.71 30.06
N GLN A 464 -5.81 -13.50 30.98
CA GLN A 464 -6.96 -14.39 31.04
C GLN A 464 -7.91 -14.26 29.86
N LYS A 465 -7.87 -13.11 29.17
CA LYS A 465 -8.69 -12.95 27.98
C LYS A 465 -8.13 -13.74 26.82
N TYR A 466 -6.81 -13.70 26.66
CA TYR A 466 -6.22 -14.45 25.55
C TYR A 466 -6.14 -15.93 25.87
N PHE A 467 -5.87 -16.26 27.12
CA PHE A 467 -5.48 -17.63 27.46
C PHE A 467 -6.34 -18.28 28.57
N LYS A 468 -7.32 -17.54 29.08
CA LYS A 468 -8.25 -18.09 30.08
C LYS A 468 -7.48 -18.88 31.17
N GLY A 469 -7.83 -20.14 31.35
CA GLY A 469 -7.31 -20.94 32.47
C GLY A 469 -5.87 -21.36 32.28
N ASN A 470 -5.34 -21.14 31.08
CA ASN A 470 -3.95 -21.47 30.77
C ASN A 470 -2.96 -20.39 31.15
N PHE A 471 -3.47 -19.21 31.55
CA PHE A 471 -2.57 -18.09 31.76
C PHE A 471 -1.63 -18.45 32.91
N GLU A 472 -2.16 -19.15 33.89
CA GLU A 472 -1.41 -19.50 35.09
C GLU A 472 -0.20 -20.40 34.77
N ARG A 473 -0.44 -21.48 34.03
CA ARG A 473 0.64 -22.39 33.63
C ARG A 473 1.66 -21.61 32.76
N LEU A 474 1.17 -20.66 31.97
CA LEU A 474 2.07 -19.82 31.12
C LEU A 474 3.00 -19.00 32.00
N ALA A 475 2.44 -18.36 33.02
CA ALA A 475 3.25 -17.50 33.91
C ALA A 475 4.24 -18.30 34.77
N ILE A 476 3.82 -19.47 35.24
CA ILE A 476 4.74 -20.34 36.00
C ILE A 476 5.89 -20.82 35.11
N THR A 477 5.57 -21.17 33.87
CA THR A 477 6.58 -21.57 32.89
C THR A 477 7.57 -20.43 32.61
N LYS A 478 7.01 -19.23 32.40
CA LYS A 478 7.79 -18.01 32.20
C LYS A 478 8.74 -17.75 33.37
N GLY A 479 8.25 -17.95 34.59
CA GLY A 479 9.10 -17.86 35.78
C GLY A 479 10.29 -18.82 35.75
N LYS A 480 10.10 -20.01 35.18
CA LYS A 480 11.17 -21.02 35.14
CA LYS A 480 11.17 -21.01 35.13
C LYS A 480 12.18 -20.75 34.01
N VAL A 481 11.69 -20.35 32.83
CA VAL A 481 12.56 -20.16 31.67
C VAL A 481 13.15 -18.75 31.52
N ASP A 482 12.51 -17.74 32.13
CA ASP A 482 12.94 -16.34 31.95
C ASP A 482 12.55 -15.53 33.19
N PRO A 483 13.16 -15.85 34.36
CA PRO A 483 12.79 -15.18 35.60
C PRO A 483 13.03 -13.67 35.60
N THR A 484 14.08 -13.20 34.90
CA THR A 484 14.38 -11.78 34.87
C THR A 484 13.57 -11.04 33.83
N ASP A 485 12.70 -11.76 33.11
CA ASP A 485 11.83 -11.14 32.13
C ASP A 485 12.63 -10.38 31.08
N TYR A 486 13.65 -11.06 30.51
CA TYR A 486 14.47 -10.48 29.46
C TYR A 486 13.64 -10.30 28.16
N PHE A 487 13.04 -11.39 27.71
CA PHE A 487 12.24 -11.36 26.49
C PHE A 487 10.82 -10.91 26.87
N ARG A 488 10.56 -9.62 26.71
CA ARG A 488 9.22 -9.14 26.99
C ARG A 488 8.78 -7.99 26.09
N ASN A 489 7.51 -7.66 26.22
CA ASN A 489 6.96 -6.46 25.64
C ASN A 489 5.82 -6.01 26.54
N GLU A 490 5.00 -5.12 26.05
CA GLU A 490 3.94 -4.50 26.84
C GLU A 490 2.80 -5.47 27.15
N GLN A 491 2.74 -6.59 26.43
CA GLN A 491 1.68 -7.54 26.63
C GLN A 491 2.24 -8.94 26.48
N SER A 492 3.29 -9.25 27.24
CA SER A 492 3.94 -10.56 27.22
C SER A 492 3.74 -11.22 28.57
N ILE A 493 3.91 -12.55 28.62
CA ILE A 493 3.63 -13.29 29.84
C ILE A 493 4.59 -12.87 30.95
N PRO A 494 4.04 -12.47 32.12
CA PRO A 494 4.84 -12.09 33.29
C PRO A 494 5.29 -13.34 34.06
N PRO A 495 6.48 -13.30 34.70
CA PRO A 495 6.91 -14.52 35.42
C PRO A 495 6.19 -14.66 36.76
N LEU A 496 5.72 -15.86 37.06
CA LEU A 496 5.19 -16.16 38.39
C LEU A 496 6.16 -17.12 39.03
N ILE A 497 6.96 -16.64 39.98
CA ILE A 497 8.07 -17.44 40.48
C ILE A 497 7.81 -18.03 41.87
N LYS A 498 8.09 -19.34 42.00
CA LYS A 498 8.02 -20.07 43.28
C LYS A 498 9.27 -19.77 44.13
N ASP B 10 8.98 -15.39 -32.34
CA ASP B 10 9.36 -14.43 -33.44
C ASP B 10 9.69 -13.04 -32.90
N PHE B 11 8.68 -12.35 -32.35
CA PHE B 11 8.97 -11.15 -31.54
C PHE B 11 9.91 -11.53 -30.41
N LEU B 12 9.61 -12.61 -29.69
CA LEU B 12 10.53 -13.08 -28.64
C LEU B 12 11.89 -13.54 -29.20
N GLY B 13 11.87 -14.34 -30.27
CA GLY B 13 13.09 -14.72 -30.98
C GLY B 13 14.00 -13.54 -31.31
N CYS B 14 13.37 -12.42 -31.70
CA CYS B 14 14.08 -11.18 -32.02
C CYS B 14 14.69 -10.58 -30.75
N LEU B 15 13.90 -10.54 -29.67
CA LEU B 15 14.37 -9.91 -28.42
C LEU B 15 15.59 -10.60 -27.79
N VAL B 16 15.62 -11.93 -27.82
CA VAL B 16 16.67 -12.69 -27.13
C VAL B 16 18.06 -12.48 -27.73
N LYS B 17 18.09 -12.06 -29.00
CA LYS B 17 19.36 -11.80 -29.69
C LYS B 17 20.09 -10.62 -29.10
N GLU B 18 19.35 -9.69 -28.51
CA GLU B 18 19.89 -8.41 -28.11
C GLU B 18 19.68 -8.06 -26.65
N ILE B 19 18.71 -8.69 -26.00
CA ILE B 19 18.39 -8.37 -24.62
C ILE B 19 18.63 -9.59 -23.69
N PRO B 20 19.42 -9.42 -22.61
CA PRO B 20 19.61 -10.50 -21.63
C PRO B 20 18.25 -10.98 -21.10
N PRO B 21 18.07 -12.32 -20.99
CA PRO B 21 16.77 -12.91 -20.64
C PRO B 21 16.25 -12.56 -19.23
N ARG B 22 17.13 -12.18 -18.32
CA ARG B 22 16.76 -11.72 -16.98
C ARG B 22 15.84 -10.47 -17.06
N LEU B 23 15.81 -9.83 -18.22
CA LEU B 23 15.05 -8.60 -18.41
C LEU B 23 13.79 -8.82 -19.24
N LEU B 24 13.48 -10.09 -19.54
CA LEU B 24 12.34 -10.47 -20.36
C LEU B 24 11.35 -11.28 -19.53
N TYR B 25 10.07 -10.93 -19.65
CA TYR B 25 9.02 -11.59 -18.88
C TYR B 25 7.88 -11.93 -19.78
N ALA B 26 7.44 -13.18 -19.66
CA ALA B 26 6.31 -13.65 -20.43
C ALA B 26 5.31 -14.16 -19.40
N LYS B 27 4.28 -14.84 -19.85
CA LYS B 27 3.35 -15.43 -18.88
C LYS B 27 3.90 -16.66 -18.14
N SER B 28 4.79 -17.44 -18.76
CA SER B 28 5.50 -18.46 -17.97
C SER B 28 6.36 -17.90 -16.83
N SER B 29 6.50 -16.56 -16.76
CA SER B 29 7.37 -15.97 -15.75
C SER B 29 6.61 -15.80 -14.41
N PRO B 30 7.00 -16.55 -13.38
CA PRO B 30 6.34 -16.42 -12.09
C PRO B 30 6.42 -15.00 -11.55
N ALA B 31 7.46 -14.26 -11.96
CA ALA B 31 7.64 -12.88 -11.53
C ALA B 31 6.92 -11.85 -12.41
N TYR B 32 6.34 -12.29 -13.53
CA TYR B 32 5.56 -11.38 -14.40
C TYR B 32 4.53 -10.53 -13.63
N PRO B 33 3.68 -11.17 -12.77
CA PRO B 33 2.71 -10.36 -12.03
C PRO B 33 3.33 -9.37 -11.08
N SER B 34 4.47 -9.71 -10.48
CA SER B 34 5.11 -8.74 -9.58
C SER B 34 5.76 -7.59 -10.36
N VAL B 35 6.33 -7.89 -11.52
CA VAL B 35 7.01 -6.86 -12.32
C VAL B 35 5.94 -5.93 -12.86
N LEU B 36 4.84 -6.51 -13.36
CA LEU B 36 3.71 -5.74 -13.83
C LEU B 36 3.13 -4.89 -12.70
N GLY B 37 2.90 -5.49 -11.53
CA GLY B 37 2.22 -4.82 -10.42
C GLY B 37 3.08 -3.81 -9.71
N GLN B 38 4.38 -3.89 -9.93
CA GLN B 38 5.36 -3.14 -9.16
C GLN B 38 5.10 -1.64 -9.04
N THR B 39 4.75 -1.00 -10.15
CA THR B 39 4.51 0.46 -10.14
C THR B 39 3.08 0.83 -10.52
N ILE B 40 2.16 -0.14 -10.46
CA ILE B 40 0.73 0.16 -10.54
C ILE B 40 0.30 0.95 -9.29
N ARG B 41 -0.32 2.11 -9.49
CA ARG B 41 -0.62 3.01 -8.36
C ARG B 41 -2.10 3.13 -8.13
N ASN B 42 -2.89 2.42 -8.91
CA ASN B 42 -4.36 2.57 -8.91
C ASN B 42 -4.96 1.17 -8.98
N SER B 43 -5.63 0.71 -7.91
CA SER B 43 -6.08 -0.68 -7.86
C SER B 43 -7.21 -0.98 -8.81
N ARG B 44 -7.78 0.05 -9.45
CA ARG B 44 -8.70 -0.19 -10.53
C ARG B 44 -8.03 -0.95 -11.69
N TRP B 45 -6.73 -0.71 -11.87
CA TRP B 45 -6.01 -1.17 -13.08
C TRP B 45 -5.12 -2.40 -12.87
N SER B 46 -5.05 -2.89 -11.63
CA SER B 46 -4.24 -4.08 -11.34
C SER B 46 -4.99 -5.41 -11.44
N SER B 47 -6.33 -5.38 -11.40
CA SER B 47 -7.15 -6.61 -11.35
C SER B 47 -7.15 -7.38 -12.67
N PRO B 48 -7.54 -8.69 -12.65
CA PRO B 48 -7.36 -9.52 -13.84
C PRO B 48 -8.26 -9.22 -15.02
N ASP B 49 -9.30 -8.42 -14.81
CA ASP B 49 -10.15 -8.00 -15.94
C ASP B 49 -9.44 -6.98 -16.86
N ASN B 50 -8.36 -6.36 -16.38
CA ASN B 50 -7.57 -5.45 -17.20
C ASN B 50 -6.74 -6.16 -18.27
N VAL B 51 -6.57 -5.53 -19.44
CA VAL B 51 -5.77 -6.11 -20.53
C VAL B 51 -4.27 -6.07 -20.22
N LYS B 52 -3.64 -7.25 -20.30
CA LYS B 52 -2.27 -7.49 -19.87
C LYS B 52 -1.30 -7.51 -21.05
N PRO B 53 -0.08 -6.98 -20.85
CA PRO B 53 0.94 -7.07 -21.89
C PRO B 53 1.36 -8.52 -22.18
N LEU B 54 1.54 -8.85 -23.46
CA LEU B 54 2.09 -10.15 -23.87
C LEU B 54 3.48 -10.38 -23.26
N TYR B 55 4.35 -9.36 -23.31
CA TYR B 55 5.68 -9.40 -22.67
C TYR B 55 5.99 -8.14 -21.93
N ILE B 56 6.83 -8.25 -20.90
CA ILE B 56 7.40 -7.07 -20.27
C ILE B 56 8.91 -7.10 -20.43
N ILE B 57 9.47 -5.95 -20.81
CA ILE B 57 10.91 -5.78 -20.98
C ILE B 57 11.40 -4.73 -20.01
N THR B 58 12.42 -5.07 -19.24
CA THR B 58 12.99 -4.13 -18.31
C THR B 58 14.45 -3.78 -18.68
N PRO B 59 14.65 -2.87 -19.66
CA PRO B 59 16.02 -2.56 -20.14
C PRO B 59 16.89 -1.97 -19.05
N THR B 60 18.22 -2.18 -19.15
CA THR B 60 19.19 -1.54 -18.27
C THR B 60 20.06 -0.61 -19.09
N GLN B 61 19.98 -0.73 -20.41
CA GLN B 61 20.72 0.19 -21.26
C GLN B 61 19.95 0.58 -22.51
N VAL B 62 20.40 1.64 -23.15
CA VAL B 62 19.67 2.25 -24.25
C VAL B 62 19.57 1.30 -25.43
N SER B 63 20.63 0.51 -25.65
CA SER B 63 20.59 -0.45 -26.74
C SER B 63 19.47 -1.45 -26.58
N HIS B 64 19.10 -1.80 -25.35
CA HIS B 64 17.93 -2.69 -25.13
C HIS B 64 16.62 -2.06 -25.59
N ILE B 65 16.47 -0.76 -25.35
CA ILE B 65 15.25 -0.06 -25.80
C ILE B 65 15.23 -0.01 -27.31
N GLN B 66 16.34 0.41 -27.92
CA GLN B 66 16.44 0.38 -29.36
C GLN B 66 16.10 -0.98 -29.94
N SER B 67 16.67 -2.05 -29.36
CA SER B 67 16.41 -3.41 -29.86
C SER B 67 14.94 -3.78 -29.76
N ALA B 68 14.32 -3.42 -28.63
CA ALA B 68 12.91 -3.71 -28.44
C ALA B 68 12.03 -3.01 -29.50
N VAL B 69 12.36 -1.75 -29.79
CA VAL B 69 11.59 -0.97 -30.76
C VAL B 69 11.79 -1.53 -32.18
N VAL B 70 13.04 -1.81 -32.55
CA VAL B 70 13.31 -2.47 -33.83
C VAL B 70 12.54 -3.77 -33.96
N CYS B 71 12.57 -4.62 -32.91
CA CYS B 71 11.80 -5.88 -32.89
C CYS B 71 10.28 -5.67 -32.96
N GLY B 72 9.79 -4.71 -32.19
CA GLY B 72 8.37 -4.40 -32.21
C GLY B 72 7.87 -3.93 -33.56
N ARG B 73 8.64 -3.06 -34.23
CA ARG B 73 8.28 -2.61 -35.58
C ARG B 73 8.26 -3.79 -36.48
N ARG B 74 9.33 -4.60 -36.42
CA ARG B 74 9.47 -5.73 -37.34
C ARG B 74 8.32 -6.73 -37.21
N HIS B 75 7.89 -7.02 -35.99
CA HIS B 75 6.93 -8.09 -35.76
C HIS B 75 5.58 -7.57 -35.36
N SER B 76 5.33 -6.30 -35.67
CA SER B 76 4.06 -5.64 -35.40
C SER B 76 3.55 -5.85 -33.98
N VAL B 77 4.41 -5.57 -33.01
CA VAL B 77 4.02 -5.57 -31.62
C VAL B 77 4.28 -4.15 -31.07
N ARG B 78 3.21 -3.42 -30.73
CA ARG B 78 3.36 -2.06 -30.18
C ARG B 78 3.84 -2.15 -28.76
N ILE B 79 4.39 -1.03 -28.29
CA ILE B 79 4.99 -0.95 -26.98
C ILE B 79 4.32 0.19 -26.23
N ARG B 80 4.04 -0.06 -24.96
CA ARG B 80 3.68 0.98 -24.01
C ARG B 80 4.84 1.15 -23.04
N VAL B 81 5.36 2.37 -22.93
CA VAL B 81 6.54 2.59 -22.12
C VAL B 81 6.06 3.02 -20.74
N ARG B 82 6.75 2.54 -19.71
CA ARG B 82 6.40 2.86 -18.34
C ARG B 82 7.62 3.32 -17.60
N SER B 83 7.49 4.43 -16.88
CA SER B 83 8.54 4.89 -16.02
C SER B 83 8.09 4.66 -14.58
N GLY B 84 7.22 5.55 -14.11
CA GLY B 84 6.84 5.55 -12.69
C GLY B 84 5.48 4.89 -12.49
N GLY B 85 4.78 4.57 -13.59
CA GLY B 85 3.48 3.90 -13.50
C GLY B 85 2.32 4.70 -12.95
N HIS B 86 2.53 5.98 -12.70
CA HIS B 86 1.49 6.88 -12.15
C HIS B 86 0.33 7.23 -13.08
N ASP B 87 0.38 6.83 -14.35
CA ASP B 87 -0.68 7.17 -15.30
C ASP B 87 -2.04 6.92 -14.70
N TYR B 88 -2.85 7.97 -14.63
CA TYR B 88 -4.18 7.92 -13.98
C TYR B 88 -5.11 6.88 -14.58
N GLU B 89 -4.96 6.63 -15.87
CA GLU B 89 -5.74 5.59 -16.53
C GLU B 89 -4.98 4.26 -16.70
N GLY B 90 -3.77 4.16 -16.15
CA GLY B 90 -2.94 2.97 -16.37
C GLY B 90 -2.46 2.73 -17.80
N LEU B 91 -2.39 3.77 -18.64
CA LEU B 91 -2.08 3.55 -20.06
C LEU B 91 -0.62 3.18 -20.35
N SER B 92 0.24 3.26 -19.35
CA SER B 92 1.61 2.77 -19.52
C SER B 92 1.73 1.24 -19.38
N TYR B 93 0.68 0.55 -18.97
CA TYR B 93 0.81 -0.88 -18.65
C TYR B 93 -0.43 -1.71 -18.96
N ARG B 94 -1.55 -1.05 -19.30
CA ARG B 94 -2.70 -1.76 -19.85
C ARG B 94 -3.25 -1.07 -21.08
N SER B 95 -4.08 -1.78 -21.84
CA SER B 95 -4.89 -1.16 -22.87
C SER B 95 -6.34 -1.25 -22.41
N LEU B 96 -7.20 -0.40 -22.94
CA LEU B 96 -8.64 -0.42 -22.56
C LEU B 96 -9.35 -1.64 -23.16
N GLN B 97 -9.02 -1.95 -24.40
CA GLN B 97 -9.62 -3.05 -25.16
C GLN B 97 -8.54 -4.09 -25.51
N PRO B 98 -8.94 -5.36 -25.79
CA PRO B 98 -7.92 -6.39 -26.08
C PRO B 98 -6.99 -5.94 -27.20
N GLU B 99 -5.68 -6.08 -26.96
CA GLU B 99 -4.66 -5.69 -27.91
C GLU B 99 -3.40 -6.45 -27.52
N THR B 100 -2.58 -6.79 -28.52
CA THR B 100 -1.23 -7.32 -28.28
C THR B 100 -0.25 -6.14 -28.12
N PHE B 101 0.42 -6.07 -26.98
CA PHE B 101 1.45 -5.05 -26.75
C PHE B 101 2.44 -5.55 -25.72
N ALA B 102 3.65 -5.00 -25.76
CA ALA B 102 4.64 -5.24 -24.74
C ALA B 102 4.75 -3.97 -23.93
N VAL B 103 5.18 -4.14 -22.69
CA VAL B 103 5.54 -3.01 -21.86
C VAL B 103 7.05 -2.95 -21.78
N VAL B 104 7.60 -1.77 -22.09
CA VAL B 104 8.99 -1.48 -21.82
C VAL B 104 8.98 -0.66 -20.55
N ASP B 105 9.45 -1.27 -19.48
CA ASP B 105 9.46 -0.71 -18.14
C ASP B 105 10.89 -0.25 -17.83
N LEU B 106 11.03 1.05 -17.64
CA LEU B 106 12.35 1.67 -17.46
C LEU B 106 12.85 1.75 -16.01
N ASN B 107 12.21 1.02 -15.10
CA ASN B 107 12.45 1.21 -13.65
C ASN B 107 13.89 0.95 -13.22
N LYS B 108 14.58 0.11 -13.97
CA LYS B 108 15.97 -0.23 -13.67
C LYS B 108 16.92 0.86 -14.17
N MET B 109 16.42 1.78 -14.99
CA MET B 109 17.25 2.87 -15.48
C MET B 109 16.89 4.10 -14.69
N ARG B 110 17.59 4.30 -13.58
CA ARG B 110 17.23 5.38 -12.67
C ARG B 110 18.41 6.27 -12.32
N ALA B 111 19.43 6.28 -13.17
CA ALA B 111 20.61 7.12 -12.91
C ALA B 111 20.31 8.61 -12.92
N VAL B 112 20.88 9.34 -11.96
CA VAL B 112 20.84 10.80 -11.98
C VAL B 112 22.26 11.33 -11.87
N TRP B 113 22.70 12.09 -12.86
CA TRP B 113 24.05 12.68 -12.87
C TRP B 113 24.01 14.18 -12.74
N VAL B 114 24.30 14.67 -11.53
CA VAL B 114 24.24 16.10 -11.25
C VAL B 114 25.59 16.74 -11.47
N ASP B 115 25.59 17.86 -12.19
CA ASP B 115 26.74 18.75 -12.23
C ASP B 115 26.36 20.05 -11.54
N GLY B 116 26.67 20.12 -10.24
CA GLY B 116 26.33 21.28 -9.42
C GLY B 116 26.85 22.60 -9.96
N LYS B 117 28.13 22.62 -10.35
CA LYS B 117 28.81 23.82 -10.84
C LYS B 117 28.20 24.35 -12.12
N ALA B 118 27.94 23.46 -13.08
CA ALA B 118 27.28 23.85 -14.32
C ALA B 118 25.77 24.12 -14.12
N ARG B 119 25.21 23.65 -13.01
CA ARG B 119 23.76 23.72 -12.71
C ARG B 119 22.93 22.99 -13.78
N THR B 120 23.36 21.78 -14.11
CA THR B 120 22.62 20.92 -15.02
C THR B 120 22.69 19.50 -14.45
N ALA B 121 21.81 18.63 -14.93
CA ALA B 121 21.80 17.23 -14.52
C ALA B 121 21.22 16.41 -15.64
N TRP B 122 21.70 15.18 -15.79
CA TRP B 122 21.07 14.17 -16.66
C TRP B 122 20.31 13.21 -15.77
N VAL B 123 19.04 12.97 -16.09
CA VAL B 123 18.22 12.10 -15.27
C VAL B 123 17.50 11.04 -16.09
N ASP B 124 17.73 9.77 -15.80
CA ASP B 124 17.01 8.70 -16.50
C ASP B 124 15.49 8.76 -16.25
N SER B 125 14.70 8.50 -17.28
CA SER B 125 13.24 8.49 -17.16
C SER B 125 12.71 7.56 -16.04
N GLY B 126 13.42 6.46 -15.78
CA GLY B 126 13.03 5.47 -14.81
C GLY B 126 13.19 5.92 -13.38
N ALA B 127 13.93 7.00 -13.15
CA ALA B 127 14.08 7.53 -11.82
C ALA B 127 12.74 8.11 -11.36
N GLN B 128 12.53 8.15 -10.06
CA GLN B 128 11.34 8.77 -9.51
C GLN B 128 11.73 10.16 -9.02
N LEU B 129 10.75 11.05 -8.87
CA LEU B 129 11.07 12.42 -8.54
C LEU B 129 11.89 12.52 -7.26
N GLY B 130 11.57 11.69 -6.28
CA GLY B 130 12.30 11.68 -5.01
C GLY B 130 13.79 11.43 -5.20
N GLU B 131 14.14 10.55 -6.14
CA GLU B 131 15.55 10.24 -6.45
C GLU B 131 16.27 11.40 -7.15
N LEU B 132 15.58 12.05 -8.08
CA LEU B 132 16.08 13.25 -8.75
C LEU B 132 16.30 14.35 -7.69
N TYR B 133 15.31 14.56 -6.84
CA TYR B 133 15.37 15.63 -5.86
C TYR B 133 16.53 15.40 -4.90
N TYR B 134 16.62 14.17 -4.40
CA TYR B 134 17.71 13.81 -3.49
C TYR B 134 19.11 14.02 -4.11
N ALA B 135 19.29 13.59 -5.34
CA ALA B 135 20.57 13.73 -6.02
C ALA B 135 20.96 15.19 -6.21
N ILE B 136 19.96 16.06 -6.43
CA ILE B 136 20.24 17.50 -6.54
C ILE B 136 20.74 18.04 -5.20
N TYR B 137 20.05 17.69 -4.12
CA TYR B 137 20.43 18.06 -2.76
C TYR B 137 21.87 17.62 -2.41
N LYS B 138 22.23 16.39 -2.79
CA LYS B 138 23.57 15.92 -2.52
CA LYS B 138 23.57 15.87 -2.58
C LYS B 138 24.63 16.74 -3.25
N ALA B 139 24.28 17.32 -4.40
CA ALA B 139 25.19 18.20 -5.12
C ALA B 139 25.24 19.61 -4.51
N SER B 140 24.11 20.09 -3.97
CA SER B 140 24.00 21.47 -3.48
C SER B 140 22.75 21.67 -2.63
N PRO B 141 22.87 22.42 -1.53
CA PRO B 141 21.68 22.63 -0.72
C PRO B 141 20.87 23.85 -1.18
N THR B 142 21.33 24.51 -2.23
CA THR B 142 20.69 25.70 -2.78
C THR B 142 20.32 25.54 -4.26
N LEU B 143 20.17 24.30 -4.70
CA LEU B 143 19.68 24.02 -6.05
C LEU B 143 18.41 23.17 -5.92
N ALA B 144 17.56 23.22 -6.94
CA ALA B 144 16.26 22.58 -6.90
C ALA B 144 15.82 22.33 -8.33
N PHE B 145 14.74 21.57 -8.49
CA PHE B 145 14.13 21.41 -9.80
C PHE B 145 12.61 21.45 -9.67
N PRO B 146 11.91 22.15 -10.60
CA PRO B 146 10.47 22.37 -10.46
C PRO B 146 9.66 21.26 -11.12
N ALA B 147 9.45 20.17 -10.41
CA ALA B 147 8.58 19.11 -10.90
C ALA B 147 7.48 18.80 -9.85
N GLY B 148 6.88 17.60 -9.95
CA GLY B 148 5.69 17.24 -9.19
C GLY B 148 5.93 17.09 -7.69
N VAL B 149 4.83 16.96 -6.95
CA VAL B 149 4.83 16.97 -5.51
C VAL B 149 5.02 15.59 -4.90
N CYS B 150 4.53 14.55 -5.59
CA CYS B 150 4.55 13.16 -5.08
C CYS B 150 5.93 12.52 -5.39
N PRO B 151 6.69 12.03 -4.38
CA PRO B 151 8.04 11.51 -4.71
C PRO B 151 8.11 10.24 -5.58
N THR B 152 7.06 9.44 -5.65
CA THR B 152 7.12 8.23 -6.47
C THR B 152 6.76 8.45 -7.95
N ILE B 153 6.35 9.65 -8.34
CA ILE B 153 6.09 9.92 -9.77
C ILE B 153 7.37 9.66 -10.58
N GLY B 154 7.23 8.96 -11.69
CA GLY B 154 8.31 8.81 -12.64
C GLY B 154 8.66 10.07 -13.39
N VAL B 155 9.97 10.27 -13.54
CA VAL B 155 10.49 11.36 -14.33
C VAL B 155 9.94 11.24 -15.76
N GLY B 156 9.96 10.04 -16.34
CA GLY B 156 9.53 9.87 -17.73
C GLY B 156 8.16 10.52 -18.02
N GLY B 157 7.13 10.08 -17.32
CA GLY B 157 5.78 10.59 -17.58
C GLY B 157 5.56 12.00 -17.05
N ASN B 158 6.17 12.33 -15.92
CA ASN B 158 6.00 13.67 -15.36
C ASN B 158 6.50 14.75 -16.32
N PHE B 159 7.69 14.53 -16.90
CA PHE B 159 8.29 15.54 -17.79
C PHE B 159 7.57 15.61 -19.13
N ALA B 160 7.22 14.44 -19.66
CA ALA B 160 6.61 14.35 -20.98
C ALA B 160 5.25 15.04 -21.03
N GLY B 161 4.52 15.01 -19.92
CA GLY B 161 3.25 15.74 -19.81
C GLY B 161 3.27 17.11 -19.19
N GLY B 162 4.45 17.62 -18.91
CA GLY B 162 4.62 18.97 -18.42
C GLY B 162 5.31 18.97 -17.08
N GLY B 163 4.55 18.71 -16.04
CA GLY B 163 5.08 18.43 -14.68
C GLY B 163 5.09 19.70 -13.85
N PHE B 164 4.26 19.79 -12.83
CA PHE B 164 4.33 20.96 -12.00
C PHE B 164 4.13 20.68 -10.51
N GLY B 165 4.58 21.62 -9.68
CA GLY B 165 4.49 21.43 -8.25
C GLY B 165 4.71 22.74 -7.54
N MET B 166 5.31 22.66 -6.35
CA MET B 166 5.37 23.84 -5.48
C MET B 166 6.26 24.97 -5.99
N LEU B 167 7.09 24.67 -6.99
CA LEU B 167 7.93 25.69 -7.62
C LEU B 167 7.36 26.25 -8.94
N LEU B 168 6.13 25.90 -9.30
CA LEU B 168 5.60 26.30 -10.62
C LEU B 168 5.44 27.83 -10.76
N ARG B 169 5.12 28.51 -9.68
CA ARG B 169 4.98 29.97 -9.77
C ARG B 169 6.35 30.61 -9.98
N LYS B 170 7.41 30.02 -9.42
CA LYS B 170 8.74 30.57 -9.52
C LYS B 170 9.43 30.23 -10.84
N TYR B 171 9.28 28.99 -11.29
CA TYR B 171 10.07 28.47 -12.40
C TYR B 171 9.25 27.75 -13.49
N GLY B 172 7.92 27.76 -13.39
CA GLY B 172 7.09 27.10 -14.42
C GLY B 172 7.10 25.58 -14.33
N ILE B 173 6.87 24.89 -15.45
CA ILE B 173 6.74 23.42 -15.43
C ILE B 173 8.11 22.73 -15.63
N ALA B 174 8.22 21.48 -15.21
CA ALA B 174 9.47 20.71 -15.40
C ALA B 174 9.92 20.81 -16.87
N ALA B 175 8.98 20.54 -17.77
CA ALA B 175 9.30 20.41 -19.21
C ALA B 175 9.97 21.67 -19.78
N GLU B 176 9.63 22.84 -19.25
CA GLU B 176 10.19 24.07 -19.84
C GLU B 176 11.58 24.34 -19.27
N ASN B 177 12.00 23.48 -18.37
CA ASN B 177 13.35 23.51 -17.80
C ASN B 177 14.22 22.33 -18.26
N VAL B 178 13.74 21.60 -19.26
CA VAL B 178 14.55 20.58 -19.93
C VAL B 178 15.40 21.21 -21.05
N ILE B 179 16.69 20.91 -21.05
CA ILE B 179 17.59 21.49 -22.06
C ILE B 179 18.10 20.50 -23.12
N ASP B 180 17.89 19.21 -22.89
CA ASP B 180 18.24 18.19 -23.90
C ASP B 180 17.53 16.91 -23.50
N VAL B 181 17.47 15.96 -24.42
CA VAL B 181 17.02 14.60 -24.12
C VAL B 181 17.87 13.57 -24.86
N LYS B 182 17.77 12.34 -24.42
CA LYS B 182 18.18 11.18 -25.18
C LYS B 182 16.90 10.41 -25.45
N LEU B 183 16.59 10.17 -26.72
CA LEU B 183 15.27 9.65 -27.08
C LEU B 183 15.41 8.58 -28.15
N VAL B 184 14.58 7.53 -28.04
CA VAL B 184 14.50 6.51 -29.08
C VAL B 184 13.21 6.70 -29.87
N ASP B 185 13.33 6.93 -31.19
CA ASP B 185 12.16 7.19 -32.03
C ASP B 185 11.52 5.89 -32.50
N ALA B 186 10.46 5.99 -33.30
CA ALA B 186 9.67 4.80 -33.70
C ALA B 186 10.41 3.83 -34.64
N ASN B 187 11.55 4.27 -35.16
CA ASN B 187 12.39 3.43 -35.98
C ASN B 187 13.53 2.84 -35.18
N GLY B 188 13.61 3.21 -33.91
CA GLY B 188 14.63 2.66 -33.04
C GLY B 188 15.90 3.50 -33.04
N LYS B 189 15.83 4.67 -33.69
CA LYS B 189 16.99 5.55 -33.79
C LYS B 189 17.16 6.41 -32.54
N LEU B 190 18.41 6.63 -32.15
CA LEU B 190 18.76 7.40 -30.96
C LEU B 190 18.92 8.88 -31.31
N HIS B 191 18.21 9.76 -30.60
CA HIS B 191 18.22 11.19 -30.88
C HIS B 191 18.65 12.02 -29.69
N ASP B 192 19.21 13.19 -29.98
CA ASP B 192 19.29 14.26 -28.99
C ASP B 192 18.49 15.44 -29.56
N LYS B 193 18.53 16.58 -28.87
CA LYS B 193 17.78 17.78 -29.25
C LYS B 193 18.10 18.18 -30.68
N LYS B 194 19.40 18.20 -31.02
CA LYS B 194 19.86 18.62 -32.34
C LYS B 194 19.36 17.72 -33.47
N SER B 195 19.55 16.40 -33.34
CA SER B 195 19.13 15.49 -34.42
C SER B 195 17.61 15.34 -34.56
N MET B 196 16.85 15.42 -33.45
CA MET B 196 15.41 15.30 -33.58
CA MET B 196 15.39 15.31 -33.53
C MET B 196 14.77 16.57 -34.15
N GLY B 197 15.36 17.74 -33.83
CA GLY B 197 14.91 19.01 -34.43
C GLY B 197 13.94 19.76 -33.52
N ASP B 198 13.70 21.03 -33.83
CA ASP B 198 12.89 21.89 -32.95
C ASP B 198 11.49 21.34 -32.73
N ASP B 199 10.79 20.90 -33.78
CA ASP B 199 9.41 20.46 -33.61
C ASP B 199 9.30 19.27 -32.67
N HIS B 200 10.13 18.24 -32.90
CA HIS B 200 10.10 17.04 -32.08
C HIS B 200 10.51 17.39 -30.63
N PHE B 201 11.56 18.18 -30.47
CA PHE B 201 12.02 18.58 -29.11
C PHE B 201 10.98 19.47 -28.40
N TRP B 202 10.26 20.28 -29.15
CA TRP B 202 9.18 21.12 -28.57
C TRP B 202 8.09 20.16 -28.05
N ALA B 203 7.73 19.18 -28.88
CA ALA B 203 6.60 18.27 -28.64
C ALA B 203 6.85 17.35 -27.45
N VAL B 204 8.07 16.82 -27.35
CA VAL B 204 8.35 15.78 -26.36
C VAL B 204 8.31 16.41 -24.97
N ARG B 205 8.63 17.69 -24.88
CA ARG B 205 8.66 18.38 -23.59
C ARG B 205 7.28 18.97 -23.28
N GLY B 206 6.34 18.13 -22.83
CA GLY B 206 5.02 18.62 -22.41
C GLY B 206 3.86 18.18 -23.29
N GLY B 207 4.16 17.56 -24.41
CA GLY B 207 3.12 17.08 -25.35
C GLY B 207 2.47 15.74 -25.00
N GLY B 208 2.70 15.23 -23.78
CA GLY B 208 2.08 13.98 -23.35
C GLY B 208 3.07 12.84 -23.53
N GLY B 209 2.97 11.82 -22.70
CA GLY B 209 3.84 10.68 -22.84
C GLY B 209 3.48 9.79 -24.00
N GLU B 210 4.42 8.90 -24.34
CA GLU B 210 4.25 7.83 -25.33
C GLU B 210 4.28 8.36 -26.77
N SER B 211 3.49 9.39 -27.06
CA SER B 211 3.28 9.90 -28.43
C SER B 211 4.52 10.18 -29.28
N PHE B 212 5.56 10.71 -28.66
CA PHE B 212 6.72 11.20 -29.41
C PHE B 212 7.96 10.33 -29.29
N GLY B 213 7.77 9.09 -28.84
CA GLY B 213 8.90 8.18 -28.67
C GLY B 213 9.27 8.01 -27.20
N ILE B 214 10.23 7.12 -26.95
CA ILE B 214 10.62 6.79 -25.58
C ILE B 214 11.79 7.69 -25.18
N VAL B 215 11.58 8.53 -24.18
CA VAL B 215 12.68 9.33 -23.68
C VAL B 215 13.46 8.45 -22.69
N VAL B 216 14.75 8.28 -22.94
CA VAL B 216 15.61 7.47 -22.08
C VAL B 216 16.08 8.31 -20.90
N ALA B 217 16.48 9.56 -21.19
CA ALA B 217 17.01 10.46 -20.19
C ALA B 217 16.79 11.91 -20.59
N TRP B 218 16.73 12.78 -19.59
CA TRP B 218 16.41 14.18 -19.80
C TRP B 218 17.54 15.01 -19.23
N GLN B 219 18.05 15.98 -19.98
CA GLN B 219 18.98 16.92 -19.36
C GLN B 219 18.19 18.13 -18.89
N VAL B 220 18.44 18.53 -17.65
CA VAL B 220 17.72 19.65 -17.05
C VAL B 220 18.67 20.76 -16.58
N LYS B 221 18.16 22.00 -16.57
CA LYS B 221 18.84 23.03 -15.81
C LYS B 221 18.37 22.99 -14.36
N LEU B 222 19.28 23.25 -13.44
CA LEU B 222 19.00 23.26 -12.02
C LEU B 222 18.89 24.71 -11.55
N LEU B 223 17.92 24.97 -10.70
CA LEU B 223 17.57 26.36 -10.46
C LEU B 223 17.85 26.73 -9.01
N PRO B 224 18.20 28.00 -8.75
CA PRO B 224 18.53 28.38 -7.36
C PRO B 224 17.32 28.44 -6.41
N VAL B 225 17.54 27.97 -5.19
CA VAL B 225 16.62 28.18 -4.07
C VAL B 225 17.46 28.68 -2.89
N PRO B 226 16.83 29.45 -1.97
CA PRO B 226 17.55 29.82 -0.73
C PRO B 226 17.85 28.60 0.14
N PRO B 227 18.85 28.69 1.04
CA PRO B 227 19.14 27.55 1.94
C PRO B 227 17.98 27.25 2.89
N THR B 228 17.16 28.26 3.18
CA THR B 228 15.98 28.04 4.01
C THR B 228 14.70 28.38 3.23
N VAL B 229 13.72 27.49 3.27
CA VAL B 229 12.40 27.81 2.76
C VAL B 229 11.42 27.65 3.91
N THR B 230 10.22 28.19 3.76
CA THR B 230 9.25 28.14 4.85
C THR B 230 7.96 27.53 4.33
N ILE B 231 7.44 26.56 5.06
CA ILE B 231 6.16 25.94 4.71
C ILE B 231 5.14 26.28 5.77
N PHE B 232 3.89 26.51 5.37
CA PHE B 232 2.80 26.51 6.34
C PHE B 232 1.63 25.68 5.84
N LYS B 233 0.84 25.18 6.79
CA LYS B 233 -0.38 24.42 6.50
C LYS B 233 -1.43 24.90 7.47
N ILE B 234 -2.34 25.71 6.96
CA ILE B 234 -3.37 26.33 7.80
C ILE B 234 -4.75 25.88 7.34
N SER B 235 -5.46 25.14 8.18
CA SER B 235 -6.79 24.66 7.83
CA SER B 235 -6.79 24.65 7.84
C SER B 235 -7.87 25.63 8.30
N LYS B 236 -8.92 25.73 7.50
CA LYS B 236 -10.06 26.58 7.79
C LYS B 236 -11.36 25.85 7.46
N THR B 237 -12.24 25.79 8.46
CA THR B 237 -13.61 25.32 8.21
C THR B 237 -14.40 26.55 7.75
N VAL B 238 -15.64 26.38 7.29
CA VAL B 238 -16.40 27.55 6.87
C VAL B 238 -16.66 28.52 8.05
N SER B 239 -17.01 28.00 9.21
CA SER B 239 -17.23 28.87 10.38
C SER B 239 -15.95 29.64 10.73
N GLU B 240 -14.78 29.07 10.43
CA GLU B 240 -13.54 29.78 10.65
C GLU B 240 -13.20 30.77 9.55
N GLY B 241 -14.05 30.81 8.51
CA GLY B 241 -13.88 31.80 7.44
C GLY B 241 -13.56 31.28 6.05
N ALA B 242 -13.58 29.95 5.84
CA ALA B 242 -13.12 29.35 4.59
C ALA B 242 -13.72 29.98 3.33
N VAL B 243 -15.03 30.20 3.32
CA VAL B 243 -15.68 30.76 2.12
C VAL B 243 -15.05 32.13 1.79
N ASP B 244 -14.92 33.01 2.78
CA ASP B 244 -14.35 34.32 2.48
C ASP B 244 -12.87 34.30 2.16
N ILE B 245 -12.12 33.44 2.83
CA ILE B 245 -10.69 33.32 2.62
C ILE B 245 -10.40 32.82 1.18
N ILE B 246 -11.12 31.79 0.76
CA ILE B 246 -10.87 31.20 -0.56
C ILE B 246 -11.35 32.16 -1.66
N ASN B 247 -12.44 32.89 -1.40
CA ASN B 247 -12.92 33.92 -2.33
C ASN B 247 -11.88 35.03 -2.57
N LYS B 248 -11.12 35.38 -1.55
CA LYS B 248 -10.03 36.31 -1.68
C LYS B 248 -8.80 35.64 -2.30
N TRP B 249 -8.52 34.41 -1.85
CA TRP B 249 -7.41 33.63 -2.38
C TRP B 249 -7.35 33.60 -3.93
N GLN B 250 -8.50 33.35 -4.55
CA GLN B 250 -8.53 33.18 -6.00
C GLN B 250 -8.04 34.39 -6.80
N VAL B 251 -8.11 35.57 -6.18
CA VAL B 251 -7.61 36.80 -6.79
C VAL B 251 -6.18 37.10 -6.35
N VAL B 252 -5.94 36.90 -5.05
CA VAL B 252 -4.68 37.27 -4.42
C VAL B 252 -3.53 36.33 -4.78
N ALA B 253 -3.76 35.04 -4.60
CA ALA B 253 -2.70 34.03 -4.77
C ALA B 253 -1.98 34.03 -6.12
N PRO B 254 -2.73 34.14 -7.23
CA PRO B 254 -2.04 34.24 -8.54
C PRO B 254 -1.29 35.56 -8.79
N GLN B 255 -1.52 36.58 -7.95
CA GLN B 255 -0.81 37.84 -8.07
CA GLN B 255 -0.84 37.86 -8.04
C GLN B 255 0.32 38.01 -7.05
N LEU B 256 0.46 37.04 -6.13
CA LEU B 256 1.53 37.10 -5.13
C LEU B 256 2.93 37.04 -5.79
N PRO B 257 3.97 37.53 -5.10
CA PRO B 257 5.35 37.42 -5.59
C PRO B 257 5.69 35.97 -5.93
N ALA B 258 6.56 35.80 -6.93
CA ALA B 258 6.90 34.46 -7.46
C ALA B 258 7.41 33.52 -6.36
N ASP B 259 8.03 34.08 -5.32
CA ASP B 259 8.59 33.29 -4.22
C ASP B 259 7.54 32.60 -3.35
N LEU B 260 6.27 32.99 -3.50
CA LEU B 260 5.24 32.42 -2.64
C LEU B 260 4.14 31.67 -3.43
N MET B 261 3.96 30.40 -3.13
CA MET B 261 2.83 29.66 -3.68
C MET B 261 1.96 29.08 -2.58
N ILE B 262 0.67 29.41 -2.65
CA ILE B 262 -0.27 28.92 -1.67
C ILE B 262 -1.31 28.04 -2.36
N ARG B 263 -1.12 26.73 -2.26
CA ARG B 263 -2.14 25.84 -2.81
C ARG B 263 -3.16 25.47 -1.73
N ILE B 264 -4.29 24.90 -2.15
CA ILE B 264 -5.33 24.49 -1.23
C ILE B 264 -5.70 23.05 -1.47
N ILE B 265 -5.78 22.30 -0.37
CA ILE B 265 -6.34 20.97 -0.42
C ILE B 265 -7.64 21.03 0.37
N ALA B 266 -8.76 20.80 -0.31
CA ALA B 266 -10.06 20.83 0.35
C ALA B 266 -10.68 19.47 0.43
N GLN B 267 -11.08 19.07 1.64
CA GLN B 267 -11.76 17.80 1.80
C GLN B 267 -12.74 17.88 2.96
N GLY B 268 -13.95 17.37 2.75
CA GLY B 268 -15.04 17.50 3.72
C GLY B 268 -15.15 18.92 4.25
N PRO B 269 -15.15 19.07 5.59
CA PRO B 269 -15.42 20.36 6.22
C PRO B 269 -14.26 21.35 6.20
N LYS B 270 -13.10 20.97 5.66
CA LYS B 270 -11.98 21.89 5.75
C LYS B 270 -11.17 22.12 4.47
N ALA B 271 -10.71 23.36 4.30
CA ALA B 271 -9.79 23.76 3.25
C ALA B 271 -8.43 24.05 3.86
N THR B 272 -7.41 23.31 3.45
CA THR B 272 -6.09 23.53 4.01
C THR B 272 -5.26 24.32 3.01
N PHE B 273 -4.75 25.46 3.48
CA PHE B 273 -3.88 26.33 2.70
C PHE B 273 -2.45 25.93 2.94
N GLU B 274 -1.81 25.38 1.91
CA GLU B 274 -0.44 24.90 2.05
C GLU B 274 0.48 25.78 1.22
N ALA B 275 1.44 26.41 1.88
CA ALA B 275 2.30 27.36 1.23
C ALA B 275 3.74 26.88 1.22
N MET B 276 4.41 27.13 0.10
CA MET B 276 5.88 27.16 0.13
C MET B 276 6.36 28.54 -0.28
N TYR B 277 7.22 29.11 0.55
CA TYR B 277 7.78 30.42 0.35
C TYR B 277 9.28 30.24 0.24
N LEU B 278 9.85 30.85 -0.81
CA LEU B 278 11.28 30.80 -1.02
C LEU B 278 11.91 31.93 -0.22
N GLY B 279 12.09 31.69 1.07
CA GLY B 279 12.49 32.74 2.00
C GLY B 279 12.18 32.35 3.43
N THR B 280 12.28 33.31 4.33
CA THR B 280 12.20 33.02 5.76
C THR B 280 10.85 33.45 6.34
N CYS B 281 10.55 32.98 7.54
CA CYS B 281 9.37 33.44 8.28
C CYS B 281 9.37 34.97 8.49
N LYS B 282 10.56 35.51 8.72
CA LYS B 282 10.76 36.93 8.93
C LYS B 282 10.18 37.79 7.82
N THR B 283 10.37 37.37 6.57
CA THR B 283 9.82 38.15 5.46
C THR B 283 8.43 37.67 4.98
N LEU B 284 8.10 36.41 5.22
CA LEU B 284 6.77 35.90 4.89
C LEU B 284 5.70 36.60 5.71
N THR B 285 5.96 36.76 7.01
CA THR B 285 4.98 37.28 7.96
C THR B 285 4.36 38.63 7.54
N PRO B 286 5.19 39.66 7.28
CA PRO B 286 4.59 40.92 6.79
C PRO B 286 3.98 40.80 5.37
N LEU B 287 4.52 39.93 4.53
CA LEU B 287 3.91 39.71 3.21
C LEU B 287 2.46 39.20 3.34
N MET B 288 2.27 38.19 4.18
CA MET B 288 0.94 37.64 4.45
C MET B 288 -0.01 38.68 5.06
N SER B 289 0.45 39.40 6.09
CA SER B 289 -0.42 40.40 6.76
C SER B 289 -0.89 41.46 5.81
N SER B 290 -0.03 41.79 4.86
CA SER B 290 -0.29 42.89 3.96
C SER B 290 -1.17 42.41 2.79
N LYS B 291 -0.79 41.30 2.17
CA LYS B 291 -1.46 40.87 0.93
C LYS B 291 -2.57 39.85 1.13
N PHE B 292 -2.46 39.03 2.16
CA PHE B 292 -3.44 37.98 2.38
C PHE B 292 -3.90 37.87 3.85
N PRO B 293 -4.41 39.00 4.39
CA PRO B 293 -4.67 39.06 5.85
C PRO B 293 -5.78 38.10 6.29
N GLU B 294 -6.68 37.76 5.36
CA GLU B 294 -7.83 36.90 5.65
C GLU B 294 -7.44 35.56 6.25
N LEU B 295 -6.24 35.07 5.93
CA LEU B 295 -5.83 33.75 6.39
C LEU B 295 -5.38 33.75 7.85
N GLY B 296 -4.97 34.92 8.33
CA GLY B 296 -4.52 35.07 9.72
C GLY B 296 -3.26 34.31 10.01
N MET B 297 -2.34 34.28 9.04
CA MET B 297 -1.06 33.60 9.21
C MET B 297 -0.20 34.36 10.21
N ASN B 298 0.52 33.63 11.05
CA ASN B 298 1.41 34.19 12.07
C ASN B 298 2.71 33.40 12.11
N PRO B 299 3.77 33.95 12.74
CA PRO B 299 5.05 33.22 12.77
C PRO B 299 4.92 31.80 13.32
N SER B 300 3.95 31.57 14.21
CA SER B 300 3.79 30.23 14.79
C SER B 300 3.46 29.18 13.71
N HIS B 301 2.91 29.64 12.59
CA HIS B 301 2.55 28.73 11.49
C HIS B 301 3.75 28.27 10.67
N CYS B 302 4.86 29.02 10.75
CA CYS B 302 6.05 28.78 9.92
C CYS B 302 6.78 27.48 10.29
N ASN B 303 7.20 26.76 9.26
CA ASN B 303 8.12 25.62 9.37
C ASN B 303 9.27 25.90 8.40
N GLU B 304 10.37 26.41 8.94
CA GLU B 304 11.54 26.68 8.12
C GLU B 304 12.35 25.39 7.98
N MET B 305 12.83 25.14 6.76
CA MET B 305 13.60 23.91 6.45
C MET B 305 14.37 24.10 5.14
N SER B 306 15.15 23.10 4.73
CA SER B 306 15.77 23.12 3.41
C SER B 306 14.73 22.79 2.34
N TRP B 307 15.06 23.12 1.11
CA TRP B 307 14.18 22.75 0.00
C TRP B 307 13.91 21.23 0.00
N ILE B 308 14.97 20.41 0.02
CA ILE B 308 14.80 18.95 0.02
C ILE B 308 13.87 18.45 1.13
N GLN B 309 13.98 19.07 2.31
CA GLN B 309 13.15 18.69 3.44
C GLN B 309 11.70 19.08 3.18
N SER B 310 11.47 20.10 2.35
CA SER B 310 10.08 20.50 2.02
C SER B 310 9.34 19.42 1.25
N ILE B 311 10.08 18.58 0.54
CA ILE B 311 9.46 17.60 -0.34
C ILE B 311 8.64 16.57 0.45
N PRO B 312 9.26 15.85 1.42
CA PRO B 312 8.36 14.97 2.18
C PRO B 312 7.40 15.77 3.07
N PHE B 313 7.80 16.97 3.49
CA PHE B 313 6.92 17.74 4.39
C PHE B 313 5.61 18.15 3.72
N VAL B 314 5.70 18.72 2.52
CA VAL B 314 4.49 19.08 1.75
C VAL B 314 3.65 17.84 1.45
N HIS B 315 4.28 16.77 0.97
CA HIS B 315 3.48 15.66 0.52
C HIS B 315 2.90 14.82 1.65
N LEU B 316 3.68 14.59 2.69
CA LEU B 316 3.30 13.62 3.71
C LEU B 316 3.04 14.22 5.10
N GLY B 317 3.42 15.48 5.30
CA GLY B 317 3.42 16.08 6.64
C GLY B 317 4.63 15.68 7.49
N HIS B 318 5.43 14.75 6.99
CA HIS B 318 6.58 14.21 7.72
C HIS B 318 7.74 15.17 7.78
N ARG B 319 8.32 15.28 8.96
CA ARG B 319 9.65 15.85 9.09
C ARG B 319 10.66 14.72 9.28
N ASP B 320 11.88 14.94 8.79
CA ASP B 320 12.97 13.98 8.92
C ASP B 320 12.60 12.48 8.87
N ALA B 321 12.39 12.01 7.64
CA ALA B 321 12.45 10.60 7.27
C ALA B 321 12.87 10.73 5.82
N LEU B 322 13.85 11.61 5.61
CA LEU B 322 14.24 12.13 4.29
C LEU B 322 14.62 11.05 3.30
N GLU B 323 15.78 10.44 3.52
CA GLU B 323 16.25 9.29 2.74
C GLU B 323 15.11 8.35 2.41
N ASP B 324 14.51 7.78 3.45
CA ASP B 324 13.38 6.83 3.32
C ASP B 324 12.23 7.31 2.41
N ASP B 325 11.66 8.46 2.72
CA ASP B 325 10.50 9.02 1.98
C ASP B 325 10.74 9.30 0.50
N LEU B 326 11.97 9.66 0.14
CA LEU B 326 12.30 10.04 -1.24
C LEU B 326 12.81 8.85 -2.04
N LEU B 327 13.51 7.95 -1.36
CA LEU B 327 14.16 6.81 -2.03
C LEU B 327 13.32 5.52 -2.01
N ASN B 328 12.18 5.53 -1.33
CA ASN B 328 11.34 4.34 -1.18
C ASN B 328 10.63 3.93 -2.46
N ARG B 329 10.73 2.64 -2.77
CA ARG B 329 10.13 2.05 -3.97
C ARG B 329 9.27 0.86 -3.59
N GLN B 330 9.01 0.74 -2.28
CA GLN B 330 7.93 -0.09 -1.78
C GLN B 330 6.63 0.63 -2.12
N ASN B 331 5.81 -0.01 -2.93
CA ASN B 331 4.62 0.63 -3.49
C ASN B 331 3.39 0.43 -2.60
N SER B 332 3.40 1.03 -1.41
CA SER B 332 2.36 0.70 -0.43
C SER B 332 1.01 1.48 -0.48
N PHE B 333 0.88 2.45 -1.37
CA PHE B 333 -0.40 3.18 -1.50
C PHE B 333 -1.01 2.93 -2.87
N LYS B 334 -2.04 2.08 -2.89
CA LYS B 334 -2.72 1.75 -4.15
C LYS B 334 -4.23 1.91 -4.01
N PRO B 335 -4.71 3.16 -3.92
CA PRO B 335 -6.17 3.34 -3.82
C PRO B 335 -6.82 2.93 -5.11
N PHE B 336 -8.13 2.70 -5.10
CA PHE B 336 -8.90 2.75 -6.33
C PHE B 336 -9.11 4.26 -6.51
N ALA B 337 -8.91 4.76 -7.73
CA ALA B 337 -8.86 6.23 -7.86
C ALA B 337 -9.40 6.78 -9.14
N GLU B 338 -10.13 7.89 -9.02
CA GLU B 338 -10.66 8.64 -10.15
C GLU B 338 -10.24 10.10 -10.03
N TYR B 339 -9.93 10.70 -11.17
CA TYR B 339 -9.39 12.06 -11.21
C TYR B 339 -9.89 12.84 -12.42
N LYS B 340 -10.11 14.11 -12.19
CA LYS B 340 -10.50 15.06 -13.24
C LYS B 340 -9.78 16.36 -12.97
N SER B 341 -9.76 17.27 -13.95
CA SER B 341 -9.13 18.56 -13.71
C SER B 341 -9.82 19.70 -14.48
N ASP B 342 -9.64 20.91 -13.99
CA ASP B 342 -10.15 22.10 -14.68
C ASP B 342 -9.15 23.23 -14.56
N TYR B 343 -9.31 24.26 -15.40
CA TYR B 343 -8.58 25.51 -15.28
C TYR B 343 -9.54 26.67 -15.12
N VAL B 344 -9.21 27.61 -14.24
CA VAL B 344 -10.09 28.75 -14.01
C VAL B 344 -9.42 30.04 -14.47
N TYR B 345 -10.12 30.81 -15.32
CA TYR B 345 -9.64 32.08 -15.87
C TYR B 345 -10.31 33.31 -15.23
N GLN B 346 -11.53 33.11 -14.72
CA GLN B 346 -12.29 34.20 -14.08
C GLN B 346 -12.70 33.84 -12.66
N PRO B 347 -12.64 34.81 -11.74
CA PRO B 347 -12.95 34.49 -10.34
C PRO B 347 -14.36 33.90 -10.20
N PHE B 348 -14.52 32.86 -9.38
CA PHE B 348 -15.85 32.32 -9.10
C PHE B 348 -16.60 33.41 -8.32
N PRO B 349 -17.93 33.51 -8.54
CA PRO B 349 -18.75 34.26 -7.58
C PRO B 349 -18.63 33.60 -6.21
N LYS B 350 -18.78 34.39 -5.15
CA LYS B 350 -18.73 33.87 -3.78
C LYS B 350 -19.75 32.75 -3.56
N THR B 351 -20.88 32.78 -4.26
CA THR B 351 -21.91 31.76 -4.05
C THR B 351 -21.47 30.37 -4.58
N VAL B 352 -20.56 30.35 -5.55
CA VAL B 352 -20.03 29.08 -6.04
C VAL B 352 -19.11 28.44 -4.97
N TRP B 353 -18.24 29.25 -4.38
CA TRP B 353 -17.44 28.80 -3.25
C TRP B 353 -18.34 28.29 -2.13
N GLU B 354 -19.44 29.00 -1.88
CA GLU B 354 -20.42 28.56 -0.87
C GLU B 354 -20.96 27.17 -1.21
N GLN B 355 -21.36 26.95 -2.46
CA GLN B 355 -21.84 25.63 -2.88
C GLN B 355 -20.76 24.55 -2.76
N ILE B 356 -19.55 24.86 -3.19
CA ILE B 356 -18.46 23.90 -3.11
C ILE B 356 -18.16 23.51 -1.67
N LEU B 357 -18.04 24.51 -0.78
CA LEU B 357 -17.64 24.23 0.58
C LEU B 357 -18.78 23.73 1.46
N ASN B 358 -19.98 24.28 1.29
CA ASN B 358 -21.17 23.88 2.09
C ASN B 358 -21.96 22.67 1.56
N THR B 359 -21.98 22.46 0.26
CA THR B 359 -22.73 21.34 -0.30
C THR B 359 -21.85 20.24 -0.89
N TRP B 360 -21.04 20.59 -1.90
CA TRP B 360 -20.36 19.59 -2.73
C TRP B 360 -19.34 18.77 -1.96
N LEU B 361 -18.53 19.43 -1.13
CA LEU B 361 -17.46 18.74 -0.41
C LEU B 361 -17.97 17.83 0.71
N VAL B 362 -19.23 17.98 1.08
CA VAL B 362 -19.77 17.13 2.15
C VAL B 362 -20.76 16.07 1.68
N LYS B 363 -21.07 16.05 0.40
CA LYS B 363 -21.92 15.03 -0.21
C LYS B 363 -21.35 13.62 0.03
N PRO B 364 -22.23 12.58 0.01
CA PRO B 364 -21.77 11.20 -0.09
C PRO B 364 -20.87 11.02 -1.32
N GLY B 365 -19.79 10.26 -1.16
CA GLY B 365 -18.83 10.06 -2.24
C GLY B 365 -17.91 11.24 -2.57
N ALA B 366 -18.04 12.35 -1.84
CA ALA B 366 -17.23 13.56 -2.08
C ALA B 366 -15.74 13.24 -2.03
N GLY B 367 -14.97 13.82 -2.95
CA GLY B 367 -13.54 13.62 -2.98
C GLY B 367 -12.76 14.81 -2.47
N ILE B 368 -11.52 14.87 -2.89
CA ILE B 368 -10.61 15.93 -2.51
C ILE B 368 -10.53 16.89 -3.69
N MET B 369 -10.47 18.18 -3.38
CA MET B 369 -10.27 19.20 -4.42
C MET B 369 -8.98 19.93 -4.17
N ILE B 370 -8.07 19.85 -5.12
CA ILE B 370 -6.78 20.55 -4.99
C ILE B 370 -6.77 21.75 -5.92
N PHE B 371 -6.38 22.90 -5.38
CA PHE B 371 -6.37 24.18 -6.11
C PHE B 371 -4.96 24.76 -6.13
N ASP B 372 -4.35 24.83 -7.33
CA ASP B 372 -3.03 25.40 -7.48
C ASP B 372 -3.07 26.76 -8.20
N PRO B 373 -2.58 27.83 -7.55
CA PRO B 373 -2.68 29.17 -8.16
C PRO B 373 -1.60 29.34 -9.22
N TYR B 374 -1.92 29.96 -10.36
CA TYR B 374 -0.88 30.23 -11.38
C TYR B 374 -0.36 31.68 -11.29
N GLY B 375 -0.30 32.39 -12.42
CA GLY B 375 0.31 33.71 -12.47
C GLY B 375 1.83 33.57 -12.48
N ALA B 376 2.54 34.65 -12.13
CA ALA B 376 4.02 34.66 -12.07
C ALA B 376 4.66 33.93 -13.27
N THR B 377 5.63 33.06 -13.02
CA THR B 377 6.44 32.52 -14.13
C THR B 377 5.66 31.59 -15.05
N ILE B 378 4.84 30.70 -14.49
CA ILE B 378 4.10 29.76 -15.33
C ILE B 378 3.22 30.48 -16.34
N SER B 379 2.56 31.55 -15.91
CA SER B 379 1.68 32.32 -16.77
C SER B 379 2.42 33.33 -17.64
N ALA B 380 3.70 33.59 -17.35
CA ALA B 380 4.47 34.53 -18.20
C ALA B 380 4.98 33.88 -19.51
N THR B 381 5.25 32.58 -19.48
CA THR B 381 5.69 31.84 -20.65
C THR B 381 4.56 31.91 -21.70
N PRO B 382 4.90 32.31 -22.95
CA PRO B 382 3.88 32.38 -24.00
C PRO B 382 3.13 31.03 -24.18
N GLU B 383 1.83 31.09 -24.47
CA GLU B 383 0.98 29.88 -24.59
C GLU B 383 1.49 28.82 -25.60
N SER B 384 2.12 29.27 -26.68
CA SER B 384 2.63 28.36 -27.72
C SER B 384 4.09 27.96 -27.54
N ALA B 385 4.76 28.58 -26.57
CA ALA B 385 6.20 28.34 -26.36
C ALA B 385 6.50 26.88 -26.04
N THR B 386 5.57 26.22 -25.33
CA THR B 386 5.60 24.76 -25.07
C THR B 386 4.20 24.23 -25.38
N PRO B 387 4.04 22.89 -25.44
CA PRO B 387 2.71 22.31 -25.70
C PRO B 387 1.68 22.58 -24.57
N PHE B 388 2.17 22.85 -23.36
CA PHE B 388 1.34 23.15 -22.17
C PHE B 388 0.75 24.58 -22.34
N PRO B 389 -0.58 24.68 -22.52
CA PRO B 389 -1.14 25.99 -22.90
C PRO B 389 -1.73 26.81 -21.76
N HIS B 390 -1.75 26.28 -20.53
CA HIS B 390 -2.62 26.85 -19.50
C HIS B 390 -1.76 27.88 -18.78
N ARG B 391 -1.68 29.07 -19.36
CA ARG B 391 -0.65 30.02 -18.92
C ARG B 391 -1.21 31.39 -18.63
N LYS B 392 -1.07 32.34 -19.57
CA LYS B 392 -1.54 33.72 -19.38
C LYS B 392 -3.01 33.75 -18.99
N GLY B 393 -3.29 34.44 -17.90
CA GLY B 393 -4.66 34.62 -17.43
C GLY B 393 -5.26 33.52 -16.59
N VAL B 394 -4.55 32.40 -16.42
CA VAL B 394 -5.04 31.34 -15.54
C VAL B 394 -4.94 31.83 -14.11
N LEU B 395 -6.03 31.70 -13.36
CA LEU B 395 -5.98 31.97 -11.92
C LEU B 395 -5.51 30.74 -11.15
N PHE B 396 -6.16 29.61 -11.39
CA PHE B 396 -5.78 28.36 -10.72
C PHE B 396 -6.21 27.15 -11.52
N ASN B 397 -5.54 26.04 -11.23
CA ASN B 397 -5.92 24.71 -11.67
C ASN B 397 -6.76 24.08 -10.55
N ILE B 398 -7.68 23.22 -10.94
CA ILE B 398 -8.41 22.40 -10.00
C ILE B 398 -8.14 20.93 -10.32
N GLN B 399 -7.81 20.13 -9.31
CA GLN B 399 -7.81 18.69 -9.51
C GLN B 399 -8.87 18.08 -8.60
N TYR B 400 -9.71 17.20 -9.15
CA TYR B 400 -10.75 16.54 -8.38
C TYR B 400 -10.27 15.09 -8.20
N VAL B 401 -9.99 14.70 -6.95
CA VAL B 401 -9.39 13.38 -6.67
C VAL B 401 -10.38 12.55 -5.83
N ASN B 402 -10.78 11.38 -6.34
CA ASN B 402 -11.60 10.44 -5.56
C ASN B 402 -10.85 9.16 -5.31
N TYR B 403 -10.66 8.83 -4.03
CA TYR B 403 -10.09 7.54 -3.60
C TYR B 403 -11.17 6.63 -2.98
N TRP B 404 -11.05 5.34 -3.23
CA TRP B 404 -11.78 4.35 -2.43
C TRP B 404 -10.91 3.10 -2.27
N PHE B 405 -11.32 2.19 -1.39
CA PHE B 405 -10.39 1.17 -0.94
C PHE B 405 -10.93 -0.26 -0.95
N ALA B 406 -12.10 -0.43 -1.54
CA ALA B 406 -12.69 -1.73 -1.75
C ALA B 406 -13.33 -1.69 -3.12
N PRO B 407 -13.19 -2.77 -3.92
CA PRO B 407 -13.67 -2.80 -5.31
C PRO B 407 -15.16 -2.46 -5.47
N GLY B 408 -15.98 -2.81 -4.49
CA GLY B 408 -17.42 -2.58 -4.59
C GLY B 408 -17.88 -1.19 -4.23
N ALA B 409 -16.96 -0.35 -3.74
CA ALA B 409 -17.28 0.98 -3.21
C ALA B 409 -17.11 2.14 -4.22
N ALA B 410 -17.16 1.83 -5.52
CA ALA B 410 -16.87 2.79 -6.60
C ALA B 410 -18.05 3.70 -6.95
N ALA B 411 -19.26 3.22 -6.75
CA ALA B 411 -20.44 3.90 -7.31
C ALA B 411 -20.56 5.35 -6.82
N ALA B 412 -20.48 5.56 -5.51
CA ALA B 412 -20.70 6.90 -4.96
C ALA B 412 -19.62 7.93 -5.38
N PRO B 413 -18.31 7.58 -5.23
CA PRO B 413 -17.28 8.52 -5.71
C PRO B 413 -17.33 8.78 -7.20
N LEU B 414 -17.61 7.75 -8.01
CA LEU B 414 -17.70 7.96 -9.45
C LEU B 414 -18.85 8.90 -9.81
N SER B 415 -19.98 8.79 -9.11
CA SER B 415 -21.14 9.67 -9.34
CA SER B 415 -21.13 9.66 -9.37
CA SER B 415 -21.11 9.67 -9.38
C SER B 415 -20.84 11.10 -8.94
N TRP B 416 -20.21 11.27 -7.77
CA TRP B 416 -19.81 12.60 -7.30
C TRP B 416 -18.89 13.29 -8.32
N SER B 417 -17.89 12.54 -8.78
CA SER B 417 -16.93 13.07 -9.72
C SER B 417 -17.62 13.61 -10.96
N LYS B 418 -18.50 12.81 -11.57
CA LYS B 418 -19.25 13.22 -12.76
CA LYS B 418 -19.23 13.25 -12.76
C LYS B 418 -20.15 14.43 -12.44
N ASP B 419 -20.82 14.37 -11.30
CA ASP B 419 -21.78 15.43 -10.92
C ASP B 419 -21.14 16.78 -10.62
N ILE B 420 -20.07 16.80 -9.84
CA ILE B 420 -19.39 18.06 -9.58
C ILE B 420 -18.78 18.63 -10.86
N TYR B 421 -18.30 17.76 -11.76
CA TYR B 421 -17.72 18.25 -13.03
C TYR B 421 -18.79 18.97 -13.83
N ASN B 422 -19.98 18.39 -13.86
CA ASN B 422 -21.15 19.06 -14.46
C ASN B 422 -21.47 20.42 -13.80
N TYR B 423 -21.50 20.43 -12.47
CA TYR B 423 -21.81 21.65 -11.73
C TYR B 423 -20.84 22.75 -12.08
N MET B 424 -19.56 22.41 -12.18
CA MET B 424 -18.54 23.45 -12.33
C MET B 424 -18.46 24.01 -13.73
N GLU B 425 -19.13 23.37 -14.68
CA GLU B 425 -18.98 23.74 -16.09
C GLU B 425 -19.12 25.24 -16.40
N PRO B 426 -20.14 25.92 -15.83
CA PRO B 426 -20.26 27.35 -16.18
C PRO B 426 -19.15 28.26 -15.65
N TYR B 427 -18.34 27.78 -14.70
CA TYR B 427 -17.42 28.68 -14.01
C TYR B 427 -15.96 28.47 -14.34
N VAL B 428 -15.67 27.44 -15.14
CA VAL B 428 -14.31 27.08 -15.51
C VAL B 428 -14.10 27.39 -16.98
N SER B 429 -12.88 27.18 -17.48
CA SER B 429 -12.61 27.42 -18.91
C SER B 429 -13.58 26.67 -19.82
N LYS B 430 -13.78 27.22 -21.03
CA LYS B 430 -14.79 26.69 -21.95
C LYS B 430 -14.30 26.72 -23.38
N ASN B 431 -14.72 25.73 -24.16
CA ASN B 431 -14.56 25.76 -25.62
C ASN B 431 -13.11 26.07 -26.04
N PRO B 432 -12.16 25.16 -25.74
CA PRO B 432 -12.34 23.91 -25.03
C PRO B 432 -12.32 24.06 -23.50
N ARG B 433 -12.93 23.10 -22.81
CA ARG B 433 -12.79 23.01 -21.38
C ARG B 433 -11.39 22.43 -21.05
N GLN B 434 -10.46 23.29 -20.65
CA GLN B 434 -9.05 22.89 -20.48
C GLN B 434 -8.81 21.90 -19.33
N ALA B 435 -7.82 21.03 -19.51
CA ALA B 435 -7.48 20.02 -18.52
C ALA B 435 -5.99 19.76 -18.68
N TYR B 436 -5.36 19.35 -17.58
CA TYR B 436 -3.95 19.05 -17.54
C TYR B 436 -3.69 17.63 -18.08
N ALA B 437 -2.83 17.52 -19.08
CA ALA B 437 -2.53 16.22 -19.71
C ALA B 437 -2.04 15.15 -18.72
N ASN B 438 -1.25 15.53 -17.71
CA ASN B 438 -0.78 14.57 -16.69
C ASN B 438 -1.83 14.17 -15.64
N TYR B 439 -2.95 14.89 -15.56
CA TYR B 439 -4.10 14.36 -14.82
C TYR B 439 -5.02 13.67 -15.82
N ARG B 440 -4.55 12.59 -16.39
CA ARG B 440 -5.21 11.94 -17.51
C ARG B 440 -6.61 11.48 -17.15
N ASP B 441 -7.55 11.77 -18.03
CA ASP B 441 -8.95 11.49 -17.76
C ASP B 441 -9.51 11.01 -19.09
N ILE B 442 -9.75 9.71 -19.19
CA ILE B 442 -10.21 9.13 -20.46
C ILE B 442 -11.63 9.58 -20.80
N ASP B 443 -12.36 10.07 -19.80
CA ASP B 443 -13.75 10.51 -20.04
C ASP B 443 -13.78 11.79 -20.87
N LEU B 444 -12.63 12.42 -21.06
CA LEU B 444 -12.55 13.63 -21.89
C LEU B 444 -12.66 13.25 -23.35
N GLY B 445 -12.40 11.99 -23.68
CA GLY B 445 -12.50 11.49 -25.04
C GLY B 445 -11.31 10.56 -25.28
N ARG B 446 -11.47 9.66 -26.25
CA ARG B 446 -10.38 8.75 -26.65
C ARG B 446 -10.29 8.73 -28.17
N ASN B 447 -9.18 8.20 -28.68
CA ASN B 447 -8.98 8.13 -30.12
C ASN B 447 -9.83 7.05 -30.73
N GLU B 448 -10.24 7.29 -31.97
CA GLU B 448 -10.72 6.26 -32.86
C GLU B 448 -9.53 5.88 -33.74
N VAL B 449 -9.44 4.60 -34.11
CA VAL B 449 -8.34 4.08 -34.93
C VAL B 449 -8.96 3.59 -36.23
N VAL B 450 -8.44 4.08 -37.36
CA VAL B 450 -8.91 3.71 -38.70
C VAL B 450 -7.68 3.30 -39.51
N ASN B 451 -7.74 2.14 -40.15
CA ASN B 451 -6.56 1.57 -40.84
C ASN B 451 -5.32 1.61 -39.93
N ASP B 452 -5.51 1.20 -38.67
CA ASP B 452 -4.43 1.08 -37.68
C ASP B 452 -3.80 2.40 -37.28
N VAL B 453 -4.49 3.51 -37.54
CA VAL B 453 -3.95 4.86 -37.26
C VAL B 453 -4.97 5.72 -36.52
N SER B 454 -4.56 6.33 -35.42
CA SER B 454 -5.46 7.17 -34.61
C SER B 454 -5.90 8.35 -35.47
N THR B 455 -7.20 8.69 -35.47
CA THR B 455 -7.69 9.74 -36.35
C THR B 455 -7.50 11.10 -35.74
N TYR B 456 -7.17 12.06 -36.59
CA TYR B 456 -7.00 13.43 -36.15
C TYR B 456 -8.31 13.95 -35.54
N ALA B 457 -9.43 13.63 -36.18
CA ALA B 457 -10.75 14.14 -35.77
C ALA B 457 -11.10 13.76 -34.35
N SER B 458 -10.86 12.51 -33.99
CA SER B 458 -11.17 12.05 -32.64
C SER B 458 -10.14 12.56 -31.61
N GLY B 459 -8.88 12.66 -32.04
CA GLY B 459 -7.79 13.16 -31.19
C GLY B 459 -8.05 14.59 -30.77
N LYS B 460 -8.58 15.36 -31.70
CA LYS B 460 -8.86 16.78 -31.49
C LYS B 460 -9.74 17.04 -30.28
N VAL B 461 -10.72 16.17 -30.07
CA VAL B 461 -11.73 16.36 -29.00
C VAL B 461 -11.08 16.48 -27.62
N TRP B 462 -10.32 15.46 -27.21
CA TRP B 462 -9.59 15.56 -25.94
C TRP B 462 -8.32 16.36 -26.12
N GLY B 463 -7.73 16.32 -27.34
CA GLY B 463 -6.41 16.97 -27.56
C GLY B 463 -6.43 18.48 -27.39
N GLN B 464 -7.52 19.12 -27.80
CA GLN B 464 -7.66 20.55 -27.57
C GLN B 464 -7.91 20.88 -26.10
N LYS B 465 -8.48 19.94 -25.34
CA LYS B 465 -8.59 20.20 -23.88
C LYS B 465 -7.24 20.24 -23.17
N TYR B 466 -6.36 19.32 -23.53
CA TYR B 466 -5.08 19.27 -22.84
C TYR B 466 -4.12 20.33 -23.38
N PHE B 467 -4.19 20.59 -24.70
CA PHE B 467 -3.12 21.34 -25.39
C PHE B 467 -3.63 22.57 -26.17
N LYS B 468 -4.95 22.77 -26.15
CA LYS B 468 -5.57 23.93 -26.77
C LYS B 468 -5.01 24.22 -28.18
N GLY B 469 -4.47 25.43 -28.40
CA GLY B 469 -3.94 25.86 -29.70
C GLY B 469 -2.68 25.11 -30.13
N ASN B 470 -2.08 24.36 -29.21
CA ASN B 470 -0.85 23.62 -29.54
C ASN B 470 -1.09 22.24 -30.13
N PHE B 471 -2.37 21.79 -30.08
CA PHE B 471 -2.69 20.46 -30.50
C PHE B 471 -2.26 20.26 -31.94
N GLU B 472 -2.49 21.28 -32.76
CA GLU B 472 -2.24 21.22 -34.19
C GLU B 472 -0.77 20.95 -34.51
N ARG B 473 0.11 21.72 -33.88
CA ARG B 473 1.55 21.54 -34.05
C ARG B 473 1.99 20.21 -33.48
N LEU B 474 1.35 19.74 -32.41
CA LEU B 474 1.67 18.41 -31.88
C LEU B 474 1.35 17.34 -32.92
N ALA B 475 0.18 17.44 -33.53
CA ALA B 475 -0.24 16.43 -34.51
C ALA B 475 0.56 16.44 -35.83
N ILE B 476 0.95 17.63 -36.27
CA ILE B 476 1.82 17.74 -37.44
C ILE B 476 3.17 17.12 -37.13
N THR B 477 3.70 17.38 -35.93
CA THR B 477 4.99 16.81 -35.52
C THR B 477 4.87 15.29 -35.48
N LYS B 478 3.80 14.79 -34.85
CA LYS B 478 3.52 13.34 -34.81
C LYS B 478 3.53 12.70 -36.21
N GLY B 479 2.86 13.37 -37.13
CA GLY B 479 2.78 12.95 -38.53
C GLY B 479 4.16 12.87 -39.15
N LYS B 480 5.07 13.79 -38.76
CA LYS B 480 6.45 13.75 -39.29
C LYS B 480 7.31 12.68 -38.63
N VAL B 481 7.19 12.49 -37.31
CA VAL B 481 8.10 11.57 -36.59
C VAL B 481 7.60 10.15 -36.42
N ASP B 482 6.32 9.93 -36.66
CA ASP B 482 5.70 8.62 -36.43
C ASP B 482 4.43 8.55 -37.27
N PRO B 483 4.59 8.62 -38.60
CA PRO B 483 3.41 8.61 -39.47
C PRO B 483 2.56 7.35 -39.28
N THR B 484 3.16 6.20 -38.96
CA THR B 484 2.38 4.97 -38.85
C THR B 484 1.71 4.80 -37.47
N ASP B 485 1.85 5.80 -36.60
CA ASP B 485 1.23 5.75 -35.27
C ASP B 485 1.68 4.50 -34.49
N TYR B 486 2.98 4.22 -34.55
CA TYR B 486 3.56 3.09 -33.81
C TYR B 486 3.43 3.27 -32.31
N PHE B 487 3.96 4.39 -31.82
CA PHE B 487 3.89 4.68 -30.39
C PHE B 487 2.55 5.34 -30.07
N ARG B 488 1.60 4.58 -29.53
CA ARG B 488 0.29 5.16 -29.27
C ARG B 488 -0.42 4.51 -28.10
N ASN B 489 -1.48 5.18 -27.66
CA ASN B 489 -2.40 4.62 -26.69
C ASN B 489 -3.74 5.23 -27.00
N GLU B 490 -4.72 5.01 -26.14
CA GLU B 490 -6.09 5.44 -26.41
C GLU B 490 -6.23 6.97 -26.38
N GLN B 491 -5.22 7.66 -25.86
CA GLN B 491 -5.29 9.10 -25.75
C GLN B 491 -3.93 9.72 -26.07
N SER B 492 -3.37 9.37 -27.23
CA SER B 492 -2.07 9.85 -27.68
C SER B 492 -2.24 10.69 -28.96
N ILE B 493 -1.27 11.55 -29.24
CA ILE B 493 -1.37 12.46 -30.38
C ILE B 493 -1.53 11.67 -31.69
N PRO B 494 -2.63 11.94 -32.45
CA PRO B 494 -2.81 11.33 -33.76
C PRO B 494 -1.93 12.05 -34.77
N PRO B 495 -1.42 11.36 -35.82
CA PRO B 495 -0.62 12.04 -36.83
C PRO B 495 -1.48 12.88 -37.80
N LEU B 496 -1.04 14.08 -38.09
CA LEU B 496 -1.70 14.88 -39.10
C LEU B 496 -0.70 15.00 -40.25
N ILE B 497 -0.91 14.22 -41.29
CA ILE B 497 0.08 14.07 -42.37
C ILE B 497 -0.24 14.93 -43.59
N LYS B 498 0.74 15.74 -44.01
CA LYS B 498 0.60 16.67 -45.14
C LYS B 498 0.34 15.96 -46.48
PA FDA C . 5.69 -10.29 14.10
O1A FDA C . 7.06 -10.52 13.52
O2A FDA C . 5.28 -8.86 14.31
O5B FDA C . 5.54 -11.00 15.53
C5B FDA C . 4.32 -10.99 16.30
C4B FDA C . 4.66 -11.26 17.77
O4B FDA C . 5.33 -12.54 17.86
C3B FDA C . 5.62 -10.25 18.32
O3B FDA C . 5.42 -10.08 19.72
C2B FDA C . 6.99 -10.89 18.08
O2B FDA C . 7.95 -10.32 19.01
C1B FDA C . 6.69 -12.38 18.28
N9A FDA C . 7.59 -13.21 17.42
C8A FDA C . 7.86 -13.02 16.10
N7A FDA C . 8.75 -13.94 15.66
C5A FDA C . 9.02 -14.76 16.72
C6A FDA C . 9.84 -15.86 16.90
N6A FDA C . 10.57 -16.38 15.88
N1A FDA C . 9.91 -16.42 18.13
C2A FDA C . 9.18 -15.96 19.17
N3A FDA C . 8.36 -14.88 19.04
C4A FDA C . 8.27 -14.28 17.83
N1 FDA C . -3.73 -14.72 12.35
C2 FDA C . -4.26 -15.92 12.15
O2 FDA C . -4.08 -16.79 12.99
N3 FDA C . -4.97 -16.21 11.02
C4 FDA C . -5.19 -15.31 10.05
O4 FDA C . -5.87 -15.61 9.01
C4X FDA C . -4.67 -14.04 10.23
N5 FDA C . -4.89 -13.04 9.27
C5X FDA C . -3.94 -11.98 9.28
C6 FDA C . -3.80 -11.25 8.08
C7 FDA C . -2.87 -10.20 8.03
C7M FDA C . -2.77 -9.41 6.72
C8 FDA C . -2.12 -9.90 9.16
C8M FDA C . -1.08 -8.79 9.14
C9 FDA C . -2.25 -10.67 10.33
C9A FDA C . -3.15 -11.73 10.41
N10 FDA C . -3.37 -12.47 11.62
C10 FDA C . -3.88 -13.75 11.46
C1' FDA C . -2.54 -12.20 12.82
C2' FDA C . -1.14 -12.79 12.88
O2' FDA C . -1.28 -14.19 13.15
C3' FDA C . -0.39 -12.10 14.00
O3' FDA C . -0.26 -10.68 13.66
C4' FDA C . 0.97 -12.79 14.18
O4' FDA C . 1.46 -12.64 15.53
C5' FDA C . 1.95 -12.20 13.17
O5' FDA C . 3.18 -12.95 13.09
P FDA C . 4.41 -12.25 12.34
O1P FDA C . 5.62 -13.12 12.52
O2P FDA C . 3.94 -11.85 10.98
O3P FDA C . 4.52 -10.88 13.18
NA NA D . -4.93 -1.85 18.37
S SO4 E . -17.03 -35.14 10.59
O1 SO4 E . -18.39 -35.68 10.57
O2 SO4 E . -17.00 -33.81 11.18
O3 SO4 E . -16.14 -36.00 11.38
O4 SO4 E . -16.53 -35.05 9.21
S SO4 F . -23.68 -40.58 -8.16
O1 SO4 F . -24.62 -41.64 -8.44
O2 SO4 F . -24.42 -39.34 -7.94
O3 SO4 F . -22.88 -40.90 -6.98
O4 SO4 F . -22.81 -40.43 -9.33
S SO4 G . 0.25 4.51 24.33
O1 SO4 G . 0.28 5.94 24.01
O2 SO4 G . -1.08 4.16 24.83
O3 SO4 G . 0.50 3.71 23.12
O4 SO4 G . 1.28 4.23 25.33
S SO4 H . 3.68 -33.04 22.22
O1 SO4 H . 3.18 -34.42 22.36
O2 SO4 H . 2.70 -32.13 22.80
O3 SO4 H . 4.96 -32.93 22.91
O4 SO4 H . 3.81 -32.74 20.79
PA FDA I . 3.73 6.31 -16.36
O1A FDA I . 4.96 5.37 -16.44
O2A FDA I . 2.41 5.64 -16.15
O5B FDA I . 3.64 7.18 -17.69
C5B FDA I . 2.53 8.03 -18.02
C4B FDA I . 2.46 8.28 -19.54
O4B FDA I . 3.73 8.75 -20.07
C3B FDA I . 2.11 7.01 -20.24
O3B FDA I . 1.26 7.30 -21.39
C2B FDA I . 3.48 6.44 -20.64
O2B FDA I . 3.45 5.54 -21.74
C1B FDA I . 4.29 7.70 -20.91
N9A FDA I . 5.72 7.48 -20.56
C8A FDA I . 6.24 6.94 -19.42
N7A FDA I . 7.60 6.95 -19.51
C5A FDA I . 7.92 7.54 -20.69
C6A FDA I . 9.13 7.81 -21.33
N6A FDA I . 10.34 7.49 -20.76
N1A FDA I . 9.09 8.41 -22.54
C2A FDA I . 7.93 8.76 -23.14
N3A FDA I . 6.74 8.48 -22.56
C4A FDA I . 6.73 7.90 -21.33
N1 FDA I . 1.63 15.50 -11.83
C2 FDA I . 2.21 16.68 -11.64
O2 FDA I . 2.61 17.28 -12.65
N3 FDA I . 2.40 17.21 -10.41
C4 FDA I . 2.00 16.57 -9.28
O4 FDA I . 2.20 17.10 -8.15
C4X FDA I . 1.36 15.35 -9.40
N5 FDA I . 0.89 14.62 -8.29
C5X FDA I . 0.77 13.22 -8.49
C6 FDA I . 0.77 12.40 -7.35
C7 FDA I . 0.66 11.01 -7.50
C7M FDA I . 0.67 10.18 -6.23
C8 FDA I . 0.51 10.45 -8.80
C8M FDA I . 0.40 8.96 -9.03
C9 FDA I . 0.52 11.29 -9.93
C9A FDA I . 0.65 12.68 -9.79
N10 FDA I . 0.57 13.57 -10.92
C10 FDA I . 1.22 14.79 -10.77
C1' FDA I . 0.44 13.03 -12.31
C2' FDA I . 1.76 12.55 -12.93
O2' FDA I . 2.48 13.67 -13.41
C3' FDA I . 1.37 11.73 -14.16
O3' FDA I . 0.58 10.59 -13.73
C4' FDA I . 2.63 11.27 -14.92
O4' FDA I . 2.27 11.03 -16.30
C5' FDA I . 3.17 9.96 -14.32
O5' FDA I . 4.43 9.65 -14.94
P FDA I . 5.07 8.23 -14.60
O1P FDA I . 6.34 8.04 -15.36
O2P FDA I . 5.00 8.04 -13.10
O3P FDA I . 3.87 7.30 -15.12
NA NA J . -10.21 8.21 -14.93
S SO4 K . -13.27 1.12 -21.47
O1 SO4 K . -14.37 0.35 -20.91
O2 SO4 K . -13.48 2.55 -21.17
O3 SO4 K . -12.03 0.70 -20.84
O4 SO4 K . -13.16 0.89 -22.92
S SO4 L . 15.51 25.11 -26.62
O1 SO4 L . 14.08 25.29 -26.37
O2 SO4 L . 16.14 26.39 -26.96
O3 SO4 L . 16.12 24.59 -25.39
O4 SO4 L . 15.75 24.23 -27.76
#